data_3F4B
#
_entry.id   3F4B
#
_cell.length_a   64.339
_cell.length_b   121.200
_cell.length_c   87.832
_cell.angle_alpha   90.00
_cell.angle_beta   108.97
_cell.angle_gamma   90.00
#
_symmetry.space_group_name_H-M   'P 1 21 1'
#
loop_
_entity.id
_entity.type
_entity.pdbx_description
1 polymer 'Enoyl-acyl carrier protein reductase'
2 non-polymer NICOTINAMIDE-ADENINE-DINUCLEOTIDE
3 non-polymer TRICLOSAN
4 water water
#
_entity_poly.entity_id   1
_entity_poly.type   'polypeptide(L)'
_entity_poly.pdbx_seq_one_letter_code
;MKNENENEICFIAGVGDSNGYGWGIAKELSKRNVKVIFGVWPPVYNIFIKNLESGKFDKDMIINNDNSKRMQILDVLPLD
AGFDNYDDIDEDTKNNKRYNNLKNYSIEEVANLIYNKYGKISMLVHSLANGREVQKSLLDTSRDGYLDAISKSSYSLISL
CKHFCKFMNSGGSVVSLTYQASQKVVPGYGGGMSSAKAALESDTRVLAYYLGRKYNIRINTISAGPLKSRAATAINKFNN
NQKNNMNSSGETDKQNYSFIDYAIDYSEKYAPLKKKLLSTDVGSVASFLLSKESSAVTGQTIYVDNGLNIMFGPDDLFQS
SDS
;
_entity_poly.pdbx_strand_id   A,B,C,D
#
loop_
_chem_comp.id
_chem_comp.type
_chem_comp.name
_chem_comp.formula
NAD non-polymer NICOTINAMIDE-ADENINE-DINUCLEOTIDE 'C21 H27 N7 O14 P2'
TCL non-polymer TRICLOSAN 'C12 H7 Cl3 O2'
#
# COMPACT_ATOMS: atom_id res chain seq x y z
N ASN A 7 -24.38 14.64 27.49
CA ASN A 7 -24.86 14.26 26.17
C ASN A 7 -23.92 14.73 25.04
N GLU A 8 -23.61 13.82 24.13
CA GLU A 8 -22.58 14.09 23.14
C GLU A 8 -23.07 14.79 21.87
N ILE A 9 -22.21 15.64 21.31
CA ILE A 9 -22.53 16.42 20.12
C ILE A 9 -21.53 16.18 18.98
N CYS A 10 -22.04 16.22 17.75
CA CYS A 10 -21.18 16.11 16.58
C CYS A 10 -21.55 17.19 15.60
N PHE A 11 -20.56 17.94 15.14
CA PHE A 11 -20.75 18.86 14.03
C PHE A 11 -20.45 18.16 12.71
N ILE A 12 -21.42 18.16 11.79
CA ILE A 12 -21.27 17.52 10.50
C ILE A 12 -21.21 18.54 9.37
N ALA A 13 -20.00 18.85 8.91
CA ALA A 13 -19.83 19.83 7.84
C ALA A 13 -19.99 19.19 6.46
N GLY A 14 -21.03 19.60 5.75
CA GLY A 14 -21.22 19.17 4.37
C GLY A 14 -22.49 18.41 4.06
N VAL A 15 -23.62 18.86 4.63
CA VAL A 15 -24.92 18.29 4.29
C VAL A 15 -25.76 19.36 3.61
N GLY A 16 -26.40 18.99 2.50
CA GLY A 16 -27.23 19.92 1.77
C GLY A 16 -28.58 19.34 1.39
N ASP A 17 -28.82 18.12 1.86
CA ASP A 17 -30.09 17.42 1.64
C ASP A 17 -30.02 16.06 2.34
N SER A 18 -30.86 15.11 1.93
CA SER A 18 -30.90 13.81 2.61
C SER A 18 -30.42 12.67 1.71
N ASN A 19 -29.73 13.01 0.63
CA ASN A 19 -29.35 11.99 -0.34
C ASN A 19 -27.85 11.65 -0.34
N GLY A 20 -27.10 12.27 0.56
CA GLY A 20 -25.66 12.07 0.61
C GLY A 20 -25.19 11.41 1.89
N TYR A 21 -23.88 11.38 2.07
CA TYR A 21 -23.30 10.66 3.19
C TYR A 21 -23.42 11.42 4.51
N GLY A 22 -23.35 12.74 4.47
CA GLY A 22 -23.54 13.52 5.69
C GLY A 22 -24.83 13.11 6.41
N TRP A 23 -25.92 13.00 5.65
CA TRP A 23 -27.21 12.61 6.22
C TRP A 23 -27.22 11.20 6.85
N GLY A 24 -26.62 10.23 6.16
CA GLY A 24 -26.50 8.86 6.64
C GLY A 24 -25.67 8.72 7.92
N ILE A 25 -24.62 9.53 8.03
CA ILE A 25 -23.82 9.59 9.24
C ILE A 25 -24.61 10.19 10.41
N ALA A 26 -25.36 11.26 10.11
CA ALA A 26 -26.21 11.87 11.11
C ALA A 26 -27.19 10.83 11.66
N LYS A 27 -27.88 10.12 10.78
CA LYS A 27 -28.81 9.07 11.18
C LYS A 27 -28.20 8.04 12.13
N GLU A 28 -27.01 7.53 11.78
CA GLU A 28 -26.36 6.50 12.58
C GLU A 28 -25.87 7.02 13.92
N LEU A 29 -25.57 8.32 13.95
CA LEU A 29 -25.16 8.96 15.18
C LEU A 29 -26.36 9.16 16.13
N SER A 30 -27.53 9.35 15.56
CA SER A 30 -28.75 9.48 16.35
C SER A 30 -29.05 8.17 17.06
N LYS A 31 -28.74 7.06 16.39
CA LYS A 31 -28.98 5.75 16.98
C LYS A 31 -28.29 5.59 18.34
N ARG A 32 -27.12 6.20 18.52
CA ARG A 32 -26.46 6.13 19.82
C ARG A 32 -26.55 7.44 20.62
N ASN A 33 -27.65 8.17 20.41
CA ASN A 33 -28.02 9.32 21.24
C ASN A 33 -27.12 10.55 21.06
N VAL A 34 -26.52 10.69 19.89
CA VAL A 34 -25.63 11.80 19.60
C VAL A 34 -26.43 12.91 18.95
N LYS A 35 -26.26 14.13 19.45
CA LYS A 35 -26.94 15.30 18.89
C LYS A 35 -26.11 15.87 17.74
N VAL A 36 -26.80 16.22 16.65
CA VAL A 36 -26.10 16.64 15.46
C VAL A 36 -26.32 18.09 15.06
N ILE A 37 -25.22 18.82 14.88
CA ILE A 37 -25.26 20.13 14.24
C ILE A 37 -24.79 19.99 12.79
N PHE A 38 -25.60 20.46 11.84
CA PHE A 38 -25.28 20.44 10.42
C PHE A 38 -24.57 21.72 9.98
N GLY A 39 -23.54 21.57 9.18
CA GLY A 39 -22.87 22.69 8.55
C GLY A 39 -23.29 22.74 7.09
N VAL A 40 -23.88 23.86 6.67
CA VAL A 40 -24.55 23.91 5.38
C VAL A 40 -24.00 24.98 4.45
N TRP A 41 -23.59 24.54 3.27
CA TRP A 41 -23.17 25.45 2.23
C TRP A 41 -24.27 26.50 1.99
N PRO A 42 -23.93 27.78 2.15
CA PRO A 42 -24.92 28.87 2.09
C PRO A 42 -25.74 28.94 0.79
N PRO A 43 -25.11 28.77 -0.38
CA PRO A 43 -25.92 28.79 -1.61
C PRO A 43 -27.04 27.75 -1.64
N VAL A 44 -27.07 26.83 -0.67
CA VAL A 44 -28.14 25.84 -0.62
C VAL A 44 -28.87 25.88 0.72
N TYR A 45 -28.45 26.80 1.58
CA TYR A 45 -28.95 26.83 2.96
C TYR A 45 -30.46 27.05 3.16
N ASN A 46 -31.02 28.09 2.58
CA ASN A 46 -32.42 28.41 2.82
C ASN A 46 -33.37 27.38 2.23
N ILE A 47 -32.99 26.81 1.09
CA ILE A 47 -33.75 25.72 0.51
C ILE A 47 -33.78 24.50 1.43
N PHE A 48 -32.62 24.14 1.96
CA PHE A 48 -32.50 22.99 2.87
C PHE A 48 -33.29 23.20 4.14
N ILE A 49 -33.31 24.43 4.64
CA ILE A 49 -34.06 24.75 5.85
C ILE A 49 -35.56 24.73 5.56
N LYS A 50 -35.95 25.08 4.33
CA LYS A 50 -37.36 25.06 3.95
C LYS A 50 -37.86 23.64 3.83
N ASN A 51 -37.14 22.85 3.03
CA ASN A 51 -37.40 21.43 2.95
C ASN A 51 -37.59 20.86 4.35
N LEU A 52 -36.62 21.10 5.21
CA LEU A 52 -36.68 20.65 6.59
C LEU A 52 -37.99 21.10 7.25
N GLU A 53 -38.25 22.40 7.23
CA GLU A 53 -39.42 22.97 7.91
C GLU A 53 -40.74 22.40 7.42
N SER A 54 -40.86 22.19 6.12
CA SER A 54 -42.10 21.64 5.54
C SER A 54 -42.23 20.11 5.56
N GLY A 55 -41.28 19.41 6.18
CA GLY A 55 -41.40 17.97 6.40
C GLY A 55 -41.06 17.06 5.23
N LYS A 56 -40.26 17.54 4.29
CA LYS A 56 -39.82 16.73 3.14
C LYS A 56 -38.87 15.60 3.58
N PHE A 57 -38.10 15.88 4.62
CA PHE A 57 -37.12 14.93 5.10
C PHE A 57 -37.68 14.03 6.22
N ASP A 58 -38.93 14.25 6.60
CA ASP A 58 -39.52 13.46 7.68
C ASP A 58 -39.40 11.95 7.43
N LYS A 59 -39.75 11.49 6.23
CA LYS A 59 -39.53 10.11 5.84
C LYS A 59 -38.08 9.67 6.08
N ASP A 60 -37.14 10.54 5.76
CA ASP A 60 -35.73 10.21 5.87
C ASP A 60 -35.13 10.43 7.27
N MET A 61 -35.91 11.00 8.18
CA MET A 61 -35.43 11.23 9.54
C MET A 61 -35.64 10.01 10.45
N ILE A 62 -36.46 9.08 10.00
CA ILE A 62 -36.77 7.91 10.80
C ILE A 62 -35.59 6.95 10.94
N ILE A 63 -35.13 6.78 12.17
CA ILE A 63 -34.08 5.83 12.50
C ILE A 63 -34.71 4.66 13.27
N LYS A 69 -37.88 5.85 16.12
CA LYS A 69 -38.11 7.26 16.41
C LYS A 69 -37.34 8.13 15.39
N ARG A 70 -37.09 9.39 15.74
CA ARG A 70 -36.54 10.32 14.75
C ARG A 70 -35.30 11.10 15.17
N MET A 71 -34.39 11.24 14.21
CA MET A 71 -33.18 12.03 14.32
C MET A 71 -33.40 13.42 14.91
N GLN A 72 -32.58 13.78 15.89
CA GLN A 72 -32.66 15.08 16.54
C GLN A 72 -31.61 16.03 16.00
N ILE A 73 -32.05 16.94 15.14
CA ILE A 73 -31.16 17.98 14.66
C ILE A 73 -31.11 19.12 15.66
N LEU A 74 -29.97 19.28 16.31
CA LEU A 74 -29.77 20.31 17.31
C LEU A 74 -29.65 21.70 16.70
N ASP A 75 -29.07 21.79 15.51
CA ASP A 75 -28.88 23.08 14.87
C ASP A 75 -28.48 22.95 13.40
N VAL A 76 -28.85 23.95 12.62
CA VAL A 76 -28.45 24.04 11.22
C VAL A 76 -27.82 25.41 10.96
N LEU A 77 -26.51 25.41 10.80
CA LEU A 77 -25.75 26.62 10.60
C LEU A 77 -25.22 26.71 9.17
N PRO A 78 -24.98 27.94 8.70
CA PRO A 78 -24.37 28.20 7.39
C PRO A 78 -22.85 28.08 7.51
N LEU A 79 -22.22 27.40 6.56
CA LEU A 79 -20.78 27.20 6.61
C LEU A 79 -20.24 27.18 5.20
N ASP A 80 -19.26 28.03 4.92
CA ASP A 80 -18.52 27.92 3.68
C ASP A 80 -17.06 27.56 3.96
N ALA A 81 -16.73 26.30 3.69
CA ALA A 81 -15.43 25.73 4.01
C ALA A 81 -14.29 26.25 3.12
N GLY A 82 -14.59 27.29 2.35
CA GLY A 82 -13.57 27.94 1.54
C GLY A 82 -12.99 29.14 2.26
N PHE A 83 -13.69 29.56 3.31
CA PHE A 83 -13.29 30.72 4.08
C PHE A 83 -12.85 30.29 5.47
N ASP A 84 -11.62 30.61 5.81
CA ASP A 84 -11.09 30.21 7.10
C ASP A 84 -11.57 31.12 8.21
N ASN A 85 -11.61 32.42 7.93
CA ASN A 85 -12.17 33.41 8.84
C ASN A 85 -12.87 34.55 8.11
N TYR A 86 -13.46 35.47 8.86
CA TYR A 86 -14.18 36.59 8.26
C TYR A 86 -13.39 37.36 7.19
N ASP A 87 -12.13 37.67 7.50
CA ASP A 87 -11.30 38.49 6.63
C ASP A 87 -11.06 37.84 5.27
N ASP A 88 -11.26 36.53 5.18
CA ASP A 88 -11.01 35.83 3.93
C ASP A 88 -12.13 36.08 2.94
N ILE A 89 -13.32 36.36 3.47
CA ILE A 89 -14.52 36.51 2.67
C ILE A 89 -14.45 37.72 1.72
N ASP A 90 -14.45 37.46 0.42
CA ASP A 90 -14.42 38.55 -0.55
C ASP A 90 -15.73 39.34 -0.55
N GLU A 91 -15.68 40.57 -1.06
CA GLU A 91 -16.86 41.42 -1.07
C GLU A 91 -17.91 40.91 -2.05
N ASP A 92 -17.44 40.36 -3.17
CA ASP A 92 -18.35 39.80 -4.16
C ASP A 92 -19.34 38.81 -3.56
N THR A 93 -18.91 38.01 -2.58
CA THR A 93 -19.84 37.07 -1.97
C THR A 93 -20.59 37.72 -0.80
N LYS A 94 -19.95 38.63 -0.08
CA LYS A 94 -20.66 39.36 0.96
C LYS A 94 -21.83 40.14 0.36
N ASN A 95 -21.72 40.46 -0.92
CA ASN A 95 -22.76 41.18 -1.65
C ASN A 95 -23.62 40.22 -2.49
N ASN A 96 -23.27 38.94 -2.45
CA ASN A 96 -23.95 37.95 -3.29
C ASN A 96 -25.35 37.59 -2.80
N LYS A 97 -26.27 37.44 -3.75
CA LYS A 97 -27.67 37.19 -3.46
C LYS A 97 -27.89 36.11 -2.39
N ARG A 98 -27.08 35.07 -2.43
CA ARG A 98 -27.27 33.91 -1.56
C ARG A 98 -26.43 33.91 -0.26
N TYR A 99 -25.89 35.05 0.11
CA TYR A 99 -25.05 35.15 1.31
C TYR A 99 -25.35 36.38 2.16
N ASN A 100 -25.93 37.41 1.55
CA ASN A 100 -26.17 38.71 2.20
C ASN A 100 -26.85 38.60 3.57
N ASN A 101 -27.93 37.82 3.61
CA ASN A 101 -28.73 37.66 4.81
C ASN A 101 -28.06 36.73 5.82
N LEU A 102 -26.99 36.07 5.39
CA LEU A 102 -26.32 35.08 6.23
C LEU A 102 -25.02 35.60 6.81
N LYS A 103 -24.78 35.30 8.08
CA LYS A 103 -23.56 35.70 8.75
C LYS A 103 -22.93 34.53 9.49
N ASN A 104 -21.71 34.74 10.00
CA ASN A 104 -21.00 33.75 10.81
C ASN A 104 -20.80 32.40 10.11
N TYR A 105 -20.42 32.44 8.84
CA TYR A 105 -20.28 31.23 8.06
C TYR A 105 -18.83 30.90 7.67
N SER A 106 -17.87 31.56 8.31
CA SER A 106 -16.46 31.20 8.17
C SER A 106 -16.26 29.94 8.98
N ILE A 107 -15.24 29.17 8.66
CA ILE A 107 -14.90 28.04 9.52
C ILE A 107 -14.69 28.54 10.95
N GLU A 108 -14.03 29.67 11.08
CA GLU A 108 -13.73 30.19 12.40
C GLU A 108 -14.97 30.67 13.13
N GLU A 109 -15.85 31.34 12.38
CA GLU A 109 -17.03 31.96 12.98
C GLU A 109 -18.03 30.90 13.47
N VAL A 110 -18.17 29.80 12.74
CA VAL A 110 -19.11 28.78 13.18
C VAL A 110 -18.55 27.95 14.33
N ALA A 111 -17.22 27.82 14.37
CA ALA A 111 -16.59 27.13 15.49
C ALA A 111 -16.73 27.95 16.78
N ASN A 112 -16.58 29.26 16.68
CA ASN A 112 -16.87 30.16 17.80
C ASN A 112 -18.33 30.10 18.19
N LEU A 113 -19.19 30.34 17.22
CA LEU A 113 -20.63 30.21 17.40
C LEU A 113 -20.98 28.92 18.16
N ILE A 114 -20.77 27.77 17.53
CA ILE A 114 -21.09 26.50 18.17
C ILE A 114 -20.49 26.38 19.57
N TYR A 115 -19.23 26.80 19.72
CA TYR A 115 -18.59 26.66 21.02
C TYR A 115 -19.30 27.52 22.08
N ASN A 116 -19.57 28.78 21.75
CA ASN A 116 -20.30 29.66 22.65
C ASN A 116 -21.69 29.13 23.02
N LYS A 117 -22.41 28.60 22.04
CA LYS A 117 -23.77 28.15 22.27
C LYS A 117 -23.88 26.77 22.95
N TYR A 118 -22.86 25.92 22.79
CA TYR A 118 -22.96 24.56 23.34
C TYR A 118 -21.74 24.09 24.14
N GLY A 119 -20.61 24.78 24.00
CA GLY A 119 -19.39 24.37 24.67
C GLY A 119 -18.56 23.41 23.82
N LYS A 120 -17.73 22.62 24.49
CA LYS A 120 -16.86 21.66 23.79
C LYS A 120 -17.66 20.53 23.14
N ILE A 121 -17.35 20.23 21.88
CA ILE A 121 -17.96 19.08 21.24
C ILE A 121 -16.98 17.90 21.16
N SER A 122 -17.51 16.72 20.83
CA SER A 122 -16.73 15.50 20.85
C SER A 122 -16.44 14.89 19.48
N MET A 123 -17.21 15.29 18.47
CA MET A 123 -17.17 14.64 17.18
C MET A 123 -17.23 15.62 16.01
N LEU A 124 -16.38 15.40 15.02
CA LEU A 124 -16.34 16.29 13.86
C LEU A 124 -16.42 15.47 12.59
N VAL A 125 -17.37 15.83 11.74
CA VAL A 125 -17.51 15.17 10.46
C VAL A 125 -17.28 16.14 9.31
N HIS A 126 -16.38 15.75 8.44
CA HIS A 126 -16.10 16.45 7.21
C HIS A 126 -16.69 15.60 6.12
N SER A 127 -17.67 16.11 5.38
CA SER A 127 -18.20 15.36 4.24
C SER A 127 -18.53 16.31 3.12
N LEU A 128 -17.52 17.05 2.68
CA LEU A 128 -17.70 18.00 1.61
C LEU A 128 -16.57 17.90 0.60
N ALA A 129 -16.88 18.24 -0.64
CA ALA A 129 -15.87 18.32 -1.66
C ALA A 129 -16.42 19.22 -2.76
N ASN A 130 -15.53 19.81 -3.52
CA ASN A 130 -15.93 20.65 -4.63
C ASN A 130 -14.78 20.81 -5.61
N GLY A 131 -15.10 20.74 -6.89
CA GLY A 131 -14.14 20.85 -7.98
C GLY A 131 -14.86 21.22 -9.26
N ARG A 132 -14.57 22.41 -9.77
CA ARG A 132 -15.24 22.93 -10.95
C ARG A 132 -14.84 22.24 -12.25
N GLU A 133 -13.72 21.51 -12.24
CA GLU A 133 -13.20 20.95 -13.48
C GLU A 133 -13.18 19.43 -13.47
N VAL A 134 -14.08 18.85 -12.67
CA VAL A 134 -14.12 17.41 -12.53
C VAL A 134 -14.55 16.74 -13.84
N GLN A 135 -15.05 17.53 -14.78
CA GLN A 135 -15.32 17.00 -16.12
C GLN A 135 -14.06 16.87 -16.99
N LYS A 136 -12.99 17.56 -16.59
CA LYS A 136 -11.74 17.49 -17.35
C LYS A 136 -10.79 16.41 -16.82
N SER A 137 -10.16 15.69 -17.74
CA SER A 137 -9.05 14.82 -17.37
C SER A 137 -8.05 15.65 -16.56
N LEU A 138 -7.33 14.99 -15.66
CA LEU A 138 -6.30 15.67 -14.86
C LEU A 138 -5.38 16.47 -15.79
N LEU A 139 -5.04 15.85 -16.91
CA LEU A 139 -4.16 16.40 -17.92
C LEU A 139 -4.64 17.75 -18.47
N ASP A 140 -5.94 17.89 -18.66
CA ASP A 140 -6.49 19.15 -19.17
C ASP A 140 -6.98 20.02 -18.05
N THR A 141 -6.64 19.70 -16.82
CA THR A 141 -7.14 20.50 -15.70
C THR A 141 -6.23 21.70 -15.49
N SER A 142 -6.83 22.85 -15.23
CA SER A 142 -6.10 24.11 -15.10
C SER A 142 -5.58 24.29 -13.68
N ARG A 143 -4.59 25.16 -13.51
CA ARG A 143 -4.04 25.44 -12.18
C ARG A 143 -5.11 25.94 -11.20
N ASP A 144 -6.08 26.70 -11.70
CA ASP A 144 -7.10 27.25 -10.81
C ASP A 144 -8.17 26.20 -10.43
N GLY A 145 -8.60 25.39 -11.39
CA GLY A 145 -9.50 24.29 -11.13
C GLY A 145 -8.91 23.32 -10.12
N TYR A 146 -7.79 22.72 -10.49
CA TYR A 146 -6.98 21.89 -9.61
C TYR A 146 -6.85 22.44 -8.18
N LEU A 147 -6.43 23.69 -8.05
CA LEU A 147 -6.22 24.27 -6.72
C LEU A 147 -7.51 24.48 -5.94
N ASP A 148 -8.58 24.83 -6.64
CA ASP A 148 -9.87 24.98 -6.00
C ASP A 148 -10.33 23.62 -5.46
N ALA A 149 -10.25 22.59 -6.29
CA ALA A 149 -10.60 21.25 -5.85
C ALA A 149 -9.86 20.91 -4.55
N ILE A 150 -8.58 21.24 -4.48
CA ILE A 150 -7.80 20.90 -3.29
C ILE A 150 -8.06 21.84 -2.13
N SER A 151 -8.41 23.07 -2.46
CA SER A 151 -8.79 24.05 -1.46
C SER A 151 -10.10 23.63 -0.77
N LYS A 152 -11.11 23.24 -1.53
CA LYS A 152 -12.42 22.93 -0.95
C LYS A 152 -12.49 21.51 -0.38
N SER A 153 -11.69 20.60 -0.93
CA SER A 153 -11.82 19.19 -0.54
C SER A 153 -10.74 18.69 0.40
N SER A 154 -9.55 19.26 0.35
CA SER A 154 -8.47 18.85 1.25
C SER A 154 -8.18 19.92 2.29
N TYR A 155 -7.88 21.14 1.84
CA TYR A 155 -7.47 22.13 2.83
C TYR A 155 -8.56 22.33 3.88
N SER A 156 -9.80 22.43 3.41
CA SER A 156 -10.96 22.50 4.28
C SER A 156 -10.91 21.56 5.47
N LEU A 157 -10.36 20.36 5.27
CA LEU A 157 -10.24 19.40 6.37
C LEU A 157 -9.26 19.87 7.44
N ILE A 158 -8.10 20.37 7.02
CA ILE A 158 -7.11 20.88 7.97
C ILE A 158 -7.66 22.09 8.70
N SER A 159 -8.32 22.97 7.97
CA SER A 159 -8.86 24.15 8.62
C SER A 159 -9.94 23.83 9.63
N LEU A 160 -10.79 22.84 9.34
CA LEU A 160 -11.82 22.43 10.28
C LEU A 160 -11.17 22.00 11.57
N CYS A 161 -10.15 21.15 11.43
CA CYS A 161 -9.39 20.64 12.56
C CYS A 161 -8.67 21.75 13.32
N LYS A 162 -8.11 22.71 12.59
CA LYS A 162 -7.34 23.76 13.20
C LYS A 162 -8.24 24.59 14.10
N HIS A 163 -9.45 24.84 13.62
CA HIS A 163 -10.36 25.74 14.32
C HIS A 163 -11.25 25.05 15.34
N PHE A 164 -11.52 23.77 15.13
CA PHE A 164 -12.45 23.08 16.01
C PHE A 164 -11.78 22.37 17.18
N CYS A 165 -10.54 21.94 16.98
CA CYS A 165 -9.90 21.05 17.94
C CYS A 165 -9.40 21.68 19.24
N LYS A 166 -9.30 23.01 19.28
CA LYS A 166 -9.15 23.70 20.57
C LYS A 166 -10.44 23.52 21.35
N PHE A 167 -11.57 23.54 20.62
CA PHE A 167 -12.91 23.51 21.22
C PHE A 167 -13.48 22.10 21.30
N MET A 168 -12.61 21.11 21.39
CA MET A 168 -13.07 19.73 21.36
C MET A 168 -12.65 18.93 22.57
N ASN A 169 -13.54 18.08 23.05
CA ASN A 169 -13.22 17.23 24.18
C ASN A 169 -12.09 16.24 23.90
N SER A 170 -11.21 16.08 24.87
CA SER A 170 -10.11 15.15 24.73
C SER A 170 -10.69 13.74 24.53
N GLY A 171 -10.07 12.94 23.67
CA GLY A 171 -10.66 11.67 23.26
C GLY A 171 -11.69 11.88 22.16
N GLY A 172 -11.89 13.13 21.76
CA GLY A 172 -12.73 13.44 20.63
C GLY A 172 -12.23 12.86 19.32
N SER A 173 -13.09 12.91 18.31
CA SER A 173 -12.85 12.18 17.07
C SER A 173 -13.30 12.92 15.81
N VAL A 174 -12.55 12.73 14.73
CA VAL A 174 -12.79 13.41 13.47
C VAL A 174 -12.79 12.36 12.36
N VAL A 175 -13.79 12.41 11.49
CA VAL A 175 -13.79 11.59 10.30
C VAL A 175 -14.10 12.43 9.07
N SER A 176 -13.49 12.04 7.94
CA SER A 176 -13.81 12.63 6.66
C SER A 176 -14.04 11.51 5.65
N LEU A 177 -14.54 11.88 4.47
CA LEU A 177 -14.83 10.91 3.41
C LEU A 177 -13.82 10.98 2.24
N THR A 178 -13.45 9.82 1.73
CA THR A 178 -12.58 9.79 0.55
C THR A 178 -13.08 8.79 -0.49
N TYR A 179 -12.38 8.70 -1.61
CA TYR A 179 -12.71 7.78 -2.70
C TYR A 179 -11.42 7.21 -3.29
N GLN A 180 -11.51 5.97 -3.79
CA GLN A 180 -10.33 5.18 -4.14
C GLN A 180 -9.60 5.70 -5.38
N ALA A 181 -10.22 6.67 -6.04
CA ALA A 181 -9.59 7.37 -7.14
C ALA A 181 -8.19 7.87 -6.80
N SER A 182 -7.94 8.07 -5.51
CA SER A 182 -6.65 8.56 -5.03
C SER A 182 -5.53 7.51 -5.17
N GLN A 183 -5.88 6.24 -5.11
CA GLN A 183 -4.90 5.13 -5.12
C GLN A 183 -4.90 4.36 -6.44
N LYS A 184 -6.06 4.25 -7.08
CA LYS A 184 -6.16 3.57 -8.38
C LYS A 184 -6.81 4.49 -9.44
N VAL A 185 -6.34 4.42 -10.68
CA VAL A 185 -6.84 5.36 -11.68
C VAL A 185 -8.30 5.12 -12.06
N VAL A 186 -9.13 6.13 -11.83
CA VAL A 186 -10.52 6.12 -12.22
C VAL A 186 -10.77 7.25 -13.22
N PRO A 187 -10.81 6.90 -14.51
CA PRO A 187 -11.10 7.96 -15.48
C PRO A 187 -12.56 8.44 -15.30
N GLY A 188 -12.77 9.73 -15.45
CA GLY A 188 -14.04 10.32 -15.14
C GLY A 188 -13.95 11.19 -13.89
N TYR A 189 -13.02 10.84 -13.01
CA TYR A 189 -12.85 11.53 -11.74
C TYR A 189 -11.74 12.56 -11.84
N GLY A 190 -12.09 13.73 -12.36
CA GLY A 190 -11.10 14.70 -12.79
C GLY A 190 -11.04 16.03 -12.06
N GLY A 191 -10.40 16.99 -12.72
CA GLY A 191 -10.24 18.32 -12.17
C GLY A 191 -9.39 18.32 -10.93
N GLY A 192 -8.59 17.29 -10.75
CA GLY A 192 -7.75 17.20 -9.57
C GLY A 192 -8.47 16.72 -8.32
N MET A 193 -9.64 16.11 -8.49
CA MET A 193 -10.34 15.50 -7.37
C MET A 193 -9.58 14.27 -6.88
N SER A 194 -8.97 13.55 -7.81
CA SER A 194 -8.19 12.38 -7.46
C SER A 194 -6.98 12.85 -6.65
N SER A 195 -6.50 14.06 -6.97
CA SER A 195 -5.35 14.66 -6.29
C SER A 195 -5.73 15.12 -4.91
N ALA A 196 -6.91 15.74 -4.80
CA ALA A 196 -7.45 16.20 -3.54
C ALA A 196 -7.68 15.04 -2.57
N LYS A 197 -8.25 13.94 -3.04
CA LYS A 197 -8.53 12.81 -2.17
C LYS A 197 -7.22 12.21 -1.65
N ALA A 198 -6.22 12.24 -2.53
CA ALA A 198 -4.91 11.73 -2.21
C ALA A 198 -4.30 12.55 -1.08
N ALA A 199 -4.34 13.87 -1.23
CA ALA A 199 -3.77 14.75 -0.23
C ALA A 199 -4.50 14.57 1.09
N LEU A 200 -5.79 14.40 0.99
CA LEU A 200 -6.64 14.26 2.18
C LEU A 200 -6.31 12.99 2.95
N GLU A 201 -6.03 11.91 2.23
CA GLU A 201 -5.57 10.68 2.85
C GLU A 201 -4.20 10.84 3.56
N SER A 202 -3.26 11.49 2.89
CA SER A 202 -1.96 11.76 3.52
C SER A 202 -2.19 12.67 4.73
N ASP A 203 -2.99 13.72 4.55
CA ASP A 203 -3.24 14.72 5.58
C ASP A 203 -3.91 14.12 6.82
N THR A 204 -4.76 13.14 6.61
CA THR A 204 -5.36 12.37 7.69
C THR A 204 -4.28 11.77 8.59
N ARG A 205 -3.22 11.26 7.98
CA ARG A 205 -2.09 10.73 8.73
C ARG A 205 -1.44 11.82 9.57
N VAL A 206 -0.93 12.85 8.91
CA VAL A 206 -0.19 13.92 9.56
C VAL A 206 -0.99 14.61 10.69
N LEU A 207 -2.27 14.88 10.45
CA LEU A 207 -3.15 15.43 11.49
C LEU A 207 -3.31 14.48 12.68
N ALA A 208 -3.24 13.17 12.43
CA ALA A 208 -3.37 12.19 13.52
C ALA A 208 -2.21 12.26 14.51
N TYR A 209 -1.02 12.56 13.99
CA TYR A 209 0.13 12.80 14.84
C TYR A 209 -0.05 14.07 15.71
N TYR A 210 -0.34 15.19 15.06
CA TYR A 210 -0.48 16.45 15.77
C TYR A 210 -1.72 16.50 16.66
N LEU A 211 -2.84 15.98 16.16
CA LEU A 211 -4.07 15.98 16.94
C LEU A 211 -3.99 14.98 18.08
N GLY A 212 -3.37 13.83 17.81
CA GLY A 212 -3.17 12.79 18.81
C GLY A 212 -2.26 13.19 19.95
N ARG A 213 -1.07 13.71 19.63
CA ARG A 213 -0.14 14.19 20.65
C ARG A 213 -0.67 15.42 21.41
N LYS A 214 -1.24 16.39 20.69
CA LYS A 214 -1.70 17.63 21.32
C LYS A 214 -2.98 17.45 22.14
N TYR A 215 -4.06 17.00 21.52
CA TYR A 215 -5.35 16.97 22.21
C TYR A 215 -5.91 15.58 22.51
N ASN A 216 -5.12 14.55 22.31
CA ASN A 216 -5.65 13.18 22.33
C ASN A 216 -6.91 13.07 21.46
N ILE A 217 -6.85 13.67 20.28
CA ILE A 217 -7.95 13.58 19.35
C ILE A 217 -7.59 12.63 18.20
N ARG A 218 -8.57 11.86 17.74
CA ARG A 218 -8.37 10.92 16.66
C ARG A 218 -8.94 11.46 15.36
N ILE A 219 -8.30 11.11 14.25
CA ILE A 219 -8.83 11.48 12.96
C ILE A 219 -8.64 10.31 11.98
N ASN A 220 -9.72 9.94 11.32
CA ASN A 220 -9.68 8.95 10.27
C ASN A 220 -10.46 9.42 9.06
N THR A 221 -10.34 8.65 7.98
CA THR A 221 -11.12 8.91 6.77
C THR A 221 -11.70 7.58 6.26
N ILE A 222 -12.93 7.63 5.77
CA ILE A 222 -13.59 6.49 5.17
C ILE A 222 -13.54 6.60 3.66
N SER A 223 -12.95 5.60 3.00
CA SER A 223 -13.03 5.52 1.55
C SER A 223 -14.33 4.86 1.15
N ALA A 224 -15.30 5.68 0.75
CA ALA A 224 -16.64 5.15 0.49
C ALA A 224 -16.76 4.66 -0.95
N GLY A 225 -17.63 3.67 -1.17
CA GLY A 225 -17.99 3.25 -2.50
C GLY A 225 -19.04 4.20 -3.07
N PRO A 226 -19.54 3.91 -4.28
CA PRO A 226 -20.43 4.83 -5.01
C PRO A 226 -21.82 4.96 -4.38
N LEU A 227 -22.32 6.19 -4.34
CA LEU A 227 -23.63 6.50 -3.78
C LEU A 227 -24.27 7.63 -4.59
N LYS A 228 -25.50 7.42 -5.04
CA LYS A 228 -26.15 8.45 -5.85
C LYS A 228 -26.55 9.69 -5.03
N SER A 229 -25.55 10.49 -4.66
CA SER A 229 -25.75 11.77 -4.01
C SER A 229 -26.03 12.80 -5.09
N ARG A 230 -26.47 13.99 -4.71
CA ARG A 230 -26.68 15.04 -5.70
C ARG A 230 -25.36 15.42 -6.37
N ALA A 231 -24.28 15.43 -5.60
CA ALA A 231 -22.95 15.69 -6.14
C ALA A 231 -22.48 14.59 -7.08
N ALA A 232 -22.63 13.34 -6.65
CA ALA A 232 -22.23 12.23 -7.52
C ALA A 232 -22.99 12.33 -8.84
N THR A 233 -24.26 12.73 -8.76
CA THR A 233 -25.13 12.80 -9.92
C THR A 233 -24.70 13.90 -10.88
N ALA A 234 -24.15 14.97 -10.33
CA ALA A 234 -23.73 16.11 -11.13
C ALA A 234 -22.46 15.83 -11.94
N ILE A 235 -21.86 14.67 -11.74
CA ILE A 235 -20.62 14.33 -12.43
C ILE A 235 -20.85 13.82 -13.86
N ASN A 236 -20.69 14.72 -14.83
CA ASN A 236 -20.37 14.30 -16.20
C ASN A 236 -21.46 13.72 -17.09
N SER A 258 -24.03 9.97 -15.19
CA SER A 258 -24.27 8.77 -15.95
C SER A 258 -23.11 7.95 -15.39
N PHE A 259 -22.02 8.67 -15.13
CA PHE A 259 -20.82 8.19 -14.45
C PHE A 259 -21.11 7.42 -13.16
N ILE A 260 -21.92 8.00 -12.27
CA ILE A 260 -22.22 7.34 -11.02
C ILE A 260 -23.10 6.13 -11.19
N ASP A 261 -23.97 6.16 -12.19
CA ASP A 261 -24.82 5.01 -12.47
C ASP A 261 -23.95 3.88 -12.95
N TYR A 262 -22.88 4.22 -13.67
CA TYR A 262 -21.94 3.19 -14.09
C TYR A 262 -21.16 2.66 -12.88
N ALA A 263 -20.72 3.56 -12.00
CA ALA A 263 -19.95 3.15 -10.84
C ALA A 263 -20.79 2.33 -9.85
N ILE A 264 -22.07 2.68 -9.70
CA ILE A 264 -22.98 1.89 -8.88
C ILE A 264 -23.17 0.49 -9.46
N ASP A 265 -23.41 0.40 -10.77
CA ASP A 265 -23.68 -0.89 -11.40
C ASP A 265 -22.44 -1.78 -11.39
N TYR A 266 -21.29 -1.18 -11.66
CA TYR A 266 -20.03 -1.92 -11.66
C TYR A 266 -19.74 -2.43 -10.26
N SER A 267 -20.08 -1.63 -9.26
CA SER A 267 -19.87 -2.03 -7.87
C SER A 267 -20.79 -3.18 -7.45
N GLU A 268 -22.05 -3.08 -7.82
CA GLU A 268 -23.04 -4.08 -7.43
C GLU A 268 -22.88 -5.39 -8.20
N LYS A 269 -22.17 -5.33 -9.33
CA LYS A 269 -21.87 -6.51 -10.12
C LYS A 269 -20.59 -7.24 -9.64
N TYR A 270 -19.60 -6.48 -9.19
CA TYR A 270 -18.26 -7.06 -9.01
C TYR A 270 -17.67 -6.97 -7.61
N ALA A 271 -18.34 -6.28 -6.69
CA ALA A 271 -17.92 -6.37 -5.30
C ALA A 271 -18.02 -7.81 -4.74
N PRO A 272 -17.12 -8.16 -3.82
CA PRO A 272 -17.23 -9.39 -3.05
C PRO A 272 -18.64 -9.53 -2.45
N LEU A 273 -19.14 -8.48 -1.83
CA LEU A 273 -20.53 -8.48 -1.39
C LEU A 273 -21.38 -7.83 -2.47
N LYS A 274 -22.41 -8.54 -2.93
CA LYS A 274 -23.26 -8.00 -3.98
C LYS A 274 -24.43 -7.17 -3.42
N LYS A 275 -24.38 -6.89 -2.13
CA LYS A 275 -25.32 -5.98 -1.48
C LYS A 275 -25.35 -4.61 -2.21
N LYS A 276 -26.36 -3.79 -1.93
CA LYS A 276 -26.42 -2.42 -2.42
C LYS A 276 -25.88 -1.49 -1.33
N LEU A 277 -24.96 -0.60 -1.69
CA LEU A 277 -24.33 0.27 -0.70
C LEU A 277 -25.25 1.41 -0.26
N LEU A 278 -25.45 1.53 1.06
CA LEU A 278 -26.34 2.56 1.62
C LEU A 278 -25.55 3.63 2.35
N SER A 279 -26.13 4.83 2.43
CA SER A 279 -25.47 5.91 3.14
C SER A 279 -25.26 5.52 4.59
N THR A 280 -26.22 4.77 5.13
CA THR A 280 -26.11 4.32 6.51
C THR A 280 -24.97 3.31 6.74
N ASP A 281 -24.56 2.60 5.68
CA ASP A 281 -23.43 1.67 5.80
C ASP A 281 -22.15 2.42 6.15
N VAL A 282 -21.92 3.53 5.43
CA VAL A 282 -20.83 4.44 5.74
C VAL A 282 -21.12 5.12 7.06
N GLY A 283 -22.39 5.46 7.27
CA GLY A 283 -22.84 6.06 8.50
C GLY A 283 -22.44 5.29 9.75
N SER A 284 -22.69 3.99 9.76
CA SER A 284 -22.39 3.21 10.97
C SER A 284 -20.89 3.03 11.22
N VAL A 285 -20.09 2.96 10.17
CA VAL A 285 -18.64 2.94 10.35
C VAL A 285 -18.11 4.29 10.88
N ALA A 286 -18.62 5.38 10.33
CA ALA A 286 -18.28 6.70 10.89
C ALA A 286 -18.62 6.76 12.39
N SER A 287 -19.82 6.32 12.75
CA SER A 287 -20.28 6.37 14.14
C SER A 287 -19.33 5.60 15.04
N PHE A 288 -18.99 4.39 14.61
CA PHE A 288 -17.98 3.60 15.26
C PHE A 288 -16.61 4.33 15.32
N LEU A 289 -16.21 4.92 14.20
CA LEU A 289 -15.00 5.74 14.17
C LEU A 289 -15.06 6.96 15.09
N LEU A 290 -16.25 7.52 15.29
CA LEU A 290 -16.43 8.66 16.19
C LEU A 290 -16.66 8.27 17.67
N SER A 291 -16.52 6.99 18.00
CA SER A 291 -16.75 6.58 19.39
C SER A 291 -15.52 6.00 20.05
N LYS A 292 -15.57 5.91 21.38
CA LYS A 292 -14.45 5.40 22.16
C LYS A 292 -14.13 3.92 21.90
N GLU A 293 -15.04 3.22 21.22
CA GLU A 293 -14.83 1.81 20.88
C GLU A 293 -13.70 1.62 19.85
N SER A 294 -13.33 2.70 19.18
CA SER A 294 -12.24 2.70 18.22
C SER A 294 -11.10 3.59 18.70
N SER A 295 -10.91 3.68 20.01
CA SER A 295 -9.99 4.68 20.56
C SER A 295 -8.52 4.32 20.36
N ALA A 296 -8.26 3.23 19.66
CA ALA A 296 -6.90 2.88 19.28
C ALA A 296 -6.70 2.90 17.76
N VAL A 297 -7.70 3.38 17.04
CA VAL A 297 -7.60 3.59 15.61
C VAL A 297 -7.43 5.08 15.29
N THR A 298 -6.41 5.41 14.51
CA THR A 298 -6.23 6.79 14.08
C THR A 298 -5.28 6.86 12.90
N GLY A 299 -5.46 7.88 12.06
CA GLY A 299 -4.62 8.12 10.90
C GLY A 299 -4.99 7.24 9.72
N GLN A 300 -6.07 6.48 9.88
CA GLN A 300 -6.39 5.40 8.96
C GLN A 300 -7.37 5.75 7.83
N THR A 301 -7.14 5.11 6.68
CA THR A 301 -8.13 5.04 5.61
C THR A 301 -8.87 3.70 5.64
N ILE A 302 -10.15 3.75 6.00
CA ILE A 302 -11.03 2.58 6.09
C ILE A 302 -11.96 2.48 4.90
N TYR A 303 -11.94 1.33 4.24
CA TYR A 303 -12.79 1.06 3.10
C TYR A 303 -14.17 0.52 3.45
N VAL A 304 -15.19 1.29 3.07
CA VAL A 304 -16.57 0.92 3.23
C VAL A 304 -17.20 0.99 1.84
N ASP A 305 -17.10 -0.11 1.13
CA ASP A 305 -17.34 -0.13 -0.31
C ASP A 305 -17.66 -1.57 -0.75
N ASN A 306 -18.17 -2.36 0.18
CA ASN A 306 -18.58 -3.71 -0.11
C ASN A 306 -17.47 -4.66 -0.54
N GLY A 307 -16.24 -4.30 -0.19
CA GLY A 307 -15.06 -5.05 -0.61
C GLY A 307 -14.48 -4.74 -1.99
N LEU A 308 -15.12 -3.85 -2.75
CA LEU A 308 -14.70 -3.61 -4.13
C LEU A 308 -13.19 -3.38 -4.32
N ASN A 309 -12.56 -2.69 -3.39
CA ASN A 309 -11.17 -2.30 -3.55
C ASN A 309 -10.17 -3.47 -3.56
N ILE A 310 -10.60 -4.64 -3.10
CA ILE A 310 -9.68 -5.78 -3.03
C ILE A 310 -9.57 -6.55 -4.34
N MET A 311 -10.49 -6.30 -5.27
CA MET A 311 -10.52 -7.01 -6.54
C MET A 311 -9.47 -6.47 -7.53
N PHE A 312 -8.98 -7.35 -8.38
CA PHE A 312 -8.07 -6.97 -9.46
C PHE A 312 -8.85 -6.27 -10.58
N GLY A 313 -10.01 -6.83 -10.93
CA GLY A 313 -10.89 -6.31 -11.97
C GLY A 313 -12.12 -7.20 -12.01
N PRO A 314 -12.90 -7.13 -13.10
CA PRO A 314 -14.14 -7.94 -13.20
C PRO A 314 -13.85 -9.44 -13.11
N ASP A 315 -14.74 -10.18 -12.45
CA ASP A 315 -14.56 -11.61 -12.26
C ASP A 315 -15.36 -12.43 -13.27
N ASP A 316 -15.94 -11.74 -14.24
CA ASP A 316 -16.61 -12.42 -15.33
C ASP A 316 -15.74 -12.39 -16.58
N ASN B 7 34.87 -10.76 -15.30
CA ASN B 7 33.51 -10.76 -15.84
C ASN B 7 32.49 -11.40 -14.91
N GLU B 8 31.37 -10.73 -14.73
CA GLU B 8 30.37 -11.15 -13.73
C GLU B 8 29.46 -12.29 -14.20
N ILE B 9 28.99 -13.06 -13.22
CA ILE B 9 28.17 -14.22 -13.48
C ILE B 9 26.84 -14.12 -12.76
N CYS B 10 25.77 -14.52 -13.43
CA CYS B 10 24.47 -14.62 -12.79
C CYS B 10 23.96 -16.06 -12.82
N PHE B 11 23.42 -16.54 -11.70
CA PHE B 11 22.76 -17.84 -11.70
C PHE B 11 21.24 -17.68 -11.74
N ILE B 12 20.62 -18.18 -12.82
CA ILE B 12 19.18 -18.08 -12.99
C ILE B 12 18.49 -19.40 -12.63
N ALA B 13 17.67 -19.37 -11.58
CA ALA B 13 17.05 -20.58 -11.05
C ALA B 13 16.01 -21.16 -12.00
N GLY B 14 14.80 -20.63 -11.98
CA GLY B 14 13.73 -21.24 -12.74
C GLY B 14 13.75 -20.96 -14.23
N VAL B 15 14.33 -21.88 -14.99
CA VAL B 15 14.34 -21.75 -16.45
C VAL B 15 14.30 -23.12 -17.12
N GLY B 16 13.54 -23.24 -18.20
CA GLY B 16 13.39 -24.52 -18.85
C GLY B 16 12.94 -24.57 -20.29
N ASP B 17 12.99 -23.46 -21.04
CA ASP B 17 12.60 -23.56 -22.45
C ASP B 17 12.65 -22.31 -23.33
N SER B 18 13.05 -21.17 -22.79
CA SER B 18 13.07 -19.94 -23.60
C SER B 18 11.68 -19.34 -23.88
N ASN B 19 10.65 -19.94 -23.33
CA ASN B 19 9.29 -19.41 -23.44
C ASN B 19 8.95 -18.54 -22.23
N GLY B 20 9.85 -18.54 -21.24
CA GLY B 20 9.58 -17.87 -19.99
C GLY B 20 10.43 -16.66 -19.67
N TYR B 21 10.26 -16.16 -18.45
CA TYR B 21 10.92 -14.95 -17.98
C TYR B 21 12.37 -15.19 -17.59
N GLY B 22 12.68 -16.39 -17.11
CA GLY B 22 14.05 -16.71 -16.79
C GLY B 22 14.87 -16.53 -18.05
N TRP B 23 14.36 -17.06 -19.15
CA TRP B 23 15.03 -16.91 -20.44
C TRP B 23 15.14 -15.46 -20.89
N GLY B 24 14.13 -14.66 -20.57
CA GLY B 24 14.14 -13.27 -20.99
C GLY B 24 15.19 -12.50 -20.21
N ILE B 25 15.39 -12.88 -18.96
CA ILE B 25 16.39 -12.23 -18.12
C ILE B 25 17.77 -12.63 -18.60
N ALA B 26 17.92 -13.90 -18.95
CA ALA B 26 19.13 -14.42 -19.55
C ALA B 26 19.54 -13.54 -20.73
N LYS B 27 18.59 -13.35 -21.66
CA LYS B 27 18.83 -12.54 -22.85
C LYS B 27 19.31 -11.12 -22.56
N GLU B 28 18.68 -10.44 -21.61
CA GLU B 28 19.00 -9.03 -21.36
C GLU B 28 20.31 -8.87 -20.57
N LEU B 29 20.61 -9.83 -19.71
CA LEU B 29 21.92 -9.86 -19.06
C LEU B 29 23.01 -10.05 -20.12
N SER B 30 22.78 -10.97 -21.05
CA SER B 30 23.66 -11.19 -22.20
C SER B 30 24.13 -9.92 -22.87
N LYS B 31 23.20 -9.00 -23.11
CA LYS B 31 23.55 -7.77 -23.82
C LYS B 31 24.34 -6.80 -22.92
N ARG B 32 24.50 -7.20 -21.67
CA ARG B 32 25.34 -6.47 -20.72
C ARG B 32 26.67 -7.20 -20.52
N ASN B 33 26.86 -8.26 -21.29
CA ASN B 33 28.07 -9.08 -21.26
C ASN B 33 28.27 -9.86 -19.96
N VAL B 34 27.17 -10.10 -19.26
CA VAL B 34 27.19 -10.89 -18.04
C VAL B 34 27.06 -12.35 -18.43
N LYS B 35 27.75 -13.25 -17.73
CA LYS B 35 27.66 -14.67 -18.05
C LYS B 35 26.65 -15.40 -17.17
N VAL B 36 25.91 -16.30 -17.80
CA VAL B 36 24.69 -16.83 -17.23
C VAL B 36 24.76 -18.34 -16.96
N ILE B 37 24.22 -18.77 -15.81
CA ILE B 37 24.12 -20.19 -15.50
C ILE B 37 22.67 -20.64 -15.21
N PHE B 38 22.27 -21.76 -15.79
CA PHE B 38 20.90 -22.24 -15.69
C PHE B 38 20.69 -23.35 -14.66
N GLY B 39 19.86 -23.09 -13.67
CA GLY B 39 19.36 -24.14 -12.79
C GLY B 39 18.09 -24.66 -13.45
N VAL B 40 17.92 -25.97 -13.50
CA VAL B 40 16.83 -26.56 -14.25
C VAL B 40 16.23 -27.73 -13.50
N TRP B 41 14.93 -27.69 -13.32
CA TRP B 41 14.18 -28.74 -12.67
C TRP B 41 14.45 -30.11 -13.35
N PRO B 42 15.00 -31.06 -12.58
CA PRO B 42 15.41 -32.39 -13.06
C PRO B 42 14.42 -33.08 -14.02
N PRO B 43 13.13 -33.13 -13.65
CA PRO B 43 12.18 -33.82 -14.53
C PRO B 43 12.25 -33.34 -15.99
N VAL B 44 12.62 -32.07 -16.21
CA VAL B 44 12.66 -31.51 -17.57
C VAL B 44 14.09 -31.22 -18.05
N TYR B 45 15.09 -31.64 -17.28
CA TYR B 45 16.47 -31.27 -17.55
C TYR B 45 17.05 -31.96 -18.78
N ASN B 46 16.91 -33.28 -18.85
CA ASN B 46 17.45 -34.01 -20.00
C ASN B 46 16.91 -33.47 -21.33
N ILE B 47 15.61 -33.21 -21.37
CA ILE B 47 14.93 -32.68 -22.56
C ILE B 47 15.45 -31.29 -22.97
N PHE B 48 15.61 -30.42 -21.99
CA PHE B 48 16.09 -29.06 -22.21
C PHE B 48 17.49 -29.05 -22.84
N ILE B 49 18.36 -29.92 -22.34
CA ILE B 49 19.71 -30.03 -22.89
C ILE B 49 19.70 -30.66 -24.28
N LYS B 50 18.75 -31.55 -24.55
CA LYS B 50 18.65 -32.15 -25.88
C LYS B 50 18.05 -31.17 -26.88
N ASN B 51 17.16 -30.31 -26.41
CA ASN B 51 16.65 -29.20 -27.22
C ASN B 51 17.74 -28.19 -27.58
N LEU B 52 18.57 -27.88 -26.61
CA LEU B 52 19.55 -26.80 -26.71
C LEU B 52 20.75 -27.21 -27.56
N GLU B 53 21.22 -28.44 -27.34
CA GLU B 53 22.38 -28.95 -28.06
C GLU B 53 22.04 -29.35 -29.49
N SER B 54 20.75 -29.35 -29.81
CA SER B 54 20.30 -29.53 -31.19
C SER B 54 19.93 -28.17 -31.79
N GLY B 55 20.29 -27.11 -31.09
CA GLY B 55 20.10 -25.74 -31.58
C GLY B 55 18.65 -25.34 -31.83
N LYS B 56 17.74 -25.79 -30.98
CA LYS B 56 16.34 -25.43 -31.12
C LYS B 56 16.08 -24.02 -30.57
N PHE B 57 16.83 -23.64 -29.54
CA PHE B 57 16.76 -22.30 -28.99
C PHE B 57 17.79 -21.41 -29.67
N ASP B 58 18.37 -21.89 -30.77
CA ASP B 58 19.43 -21.15 -31.44
C ASP B 58 18.98 -19.74 -31.84
N LYS B 59 17.70 -19.60 -32.17
CA LYS B 59 17.15 -18.32 -32.59
C LYS B 59 16.80 -17.42 -31.40
N ASP B 60 16.58 -18.03 -30.25
CA ASP B 60 16.17 -17.28 -29.07
C ASP B 60 17.39 -16.74 -28.33
N MET B 61 18.58 -17.09 -28.82
CA MET B 61 19.83 -16.65 -28.21
C MET B 61 20.38 -15.41 -28.91
N ILE B 62 19.59 -14.87 -29.83
CA ILE B 62 20.04 -13.74 -30.62
C ILE B 62 19.72 -12.41 -29.95
N ILE B 63 20.74 -11.56 -29.81
CA ILE B 63 20.55 -10.20 -29.31
C ILE B 63 21.14 -9.22 -30.33
N ASN B 64 20.44 -8.11 -30.56
CA ASN B 64 20.99 -7.06 -31.40
C ASN B 64 22.44 -6.81 -30.99
N ASN B 65 23.34 -6.74 -31.98
CA ASN B 65 22.97 -6.82 -33.40
C ASN B 65 22.56 -8.20 -33.89
N ASP B 66 21.68 -8.23 -34.89
CA ASP B 66 21.20 -9.48 -35.48
C ASP B 66 21.02 -9.34 -36.99
N ASN B 67 21.48 -10.32 -37.75
CA ASN B 67 22.12 -11.52 -37.21
C ASN B 67 23.63 -11.55 -37.46
N SER B 68 24.44 -11.70 -36.41
CA SER B 68 23.94 -11.79 -35.04
C SER B 68 25.03 -11.55 -33.99
N LYS B 69 24.61 -11.48 -32.74
CA LYS B 69 25.49 -11.29 -31.59
C LYS B 69 24.88 -12.14 -30.47
N ARG B 70 25.30 -13.40 -30.40
CA ARG B 70 24.58 -14.42 -29.64
C ARG B 70 24.84 -14.48 -28.13
N MET B 71 23.96 -15.20 -27.45
CA MET B 71 24.07 -15.47 -26.02
C MET B 71 24.95 -16.69 -25.83
N GLN B 72 25.67 -16.73 -24.71
CA GLN B 72 26.52 -17.86 -24.42
C GLN B 72 26.38 -18.34 -22.98
N ILE B 73 25.61 -19.41 -22.82
CA ILE B 73 25.36 -20.03 -21.54
C ILE B 73 26.62 -20.68 -20.97
N LEU B 74 27.13 -20.12 -19.88
CA LEU B 74 28.30 -20.70 -19.19
C LEU B 74 28.14 -22.16 -18.81
N ASP B 75 26.97 -22.53 -18.32
CA ASP B 75 26.76 -23.88 -17.81
C ASP B 75 25.27 -24.10 -17.51
N VAL B 76 24.85 -25.36 -17.39
CA VAL B 76 23.46 -25.71 -17.09
C VAL B 76 23.38 -26.87 -16.10
N LEU B 77 22.85 -26.60 -14.91
CA LEU B 77 22.80 -27.61 -13.85
C LEU B 77 21.40 -28.13 -13.60
N PRO B 78 21.29 -29.32 -12.99
CA PRO B 78 19.98 -29.77 -12.50
C PRO B 78 19.70 -29.17 -11.12
N LEU B 79 18.44 -28.84 -10.86
CA LEU B 79 18.09 -28.12 -9.63
C LEU B 79 16.64 -28.38 -9.27
N ASP B 80 16.42 -29.02 -8.13
CA ASP B 80 15.09 -29.09 -7.53
C ASP B 80 15.06 -28.21 -6.30
N ALA B 81 14.49 -27.01 -6.44
CA ALA B 81 14.47 -26.00 -5.37
C ALA B 81 13.48 -26.33 -4.27
N GLY B 82 12.88 -27.51 -4.36
CA GLY B 82 12.05 -28.02 -3.27
C GLY B 82 12.86 -28.85 -2.30
N PHE B 83 14.18 -28.89 -2.48
CA PHE B 83 15.12 -29.58 -1.58
C PHE B 83 16.28 -28.67 -1.25
N ASP B 84 16.61 -28.55 0.04
CA ASP B 84 17.68 -27.65 0.45
C ASP B 84 19.06 -28.31 0.41
N ASN B 85 19.15 -29.53 0.90
CA ASN B 85 20.38 -30.31 0.81
C ASN B 85 20.14 -31.82 0.65
N TYR B 86 21.17 -32.54 0.23
CA TYR B 86 21.02 -33.96 -0.07
C TYR B 86 20.24 -34.70 1.01
N ASP B 87 20.60 -34.44 2.27
CA ASP B 87 19.99 -35.13 3.40
C ASP B 87 18.47 -35.06 3.37
N ASP B 88 17.95 -34.08 2.63
CA ASP B 88 16.51 -33.87 2.51
C ASP B 88 15.87 -34.83 1.52
N ILE B 89 16.46 -34.91 0.34
CA ILE B 89 15.84 -35.64 -0.76
C ILE B 89 15.54 -37.10 -0.42
N ASP B 90 14.24 -37.42 -0.39
CA ASP B 90 13.77 -38.72 0.12
C ASP B 90 14.10 -39.90 -0.77
N GLU B 91 13.52 -41.06 -0.45
CA GLU B 91 13.84 -42.31 -1.14
C GLU B 91 13.02 -42.49 -2.42
N ASP B 92 11.70 -42.31 -2.31
CA ASP B 92 10.83 -42.46 -3.46
C ASP B 92 11.39 -41.70 -4.64
N THR B 93 11.98 -40.54 -4.34
CA THR B 93 12.49 -39.64 -5.36
C THR B 93 13.90 -40.05 -5.78
N LYS B 94 14.63 -40.67 -4.87
CA LYS B 94 15.94 -41.23 -5.20
C LYS B 94 15.77 -42.29 -6.28
N ASN B 95 14.63 -42.97 -6.25
CA ASN B 95 14.35 -44.06 -7.20
C ASN B 95 13.35 -43.65 -8.28
N ASN B 96 13.32 -42.36 -8.61
CA ASN B 96 12.45 -41.90 -9.68
C ASN B 96 13.19 -41.80 -11.00
N LYS B 97 12.50 -42.21 -12.07
CA LYS B 97 13.06 -42.31 -13.41
C LYS B 97 13.82 -41.06 -13.87
N ARG B 98 13.54 -39.92 -13.24
CA ARG B 98 14.12 -38.64 -13.66
C ARG B 98 15.39 -38.28 -12.90
N TYR B 99 15.54 -38.86 -11.71
CA TYR B 99 16.62 -38.48 -10.81
C TYR B 99 17.71 -39.54 -10.67
N ASN B 100 17.38 -40.79 -11.00
CA ASN B 100 18.36 -41.88 -10.99
C ASN B 100 19.41 -41.65 -12.06
N ASN B 101 19.22 -40.57 -12.82
CA ASN B 101 20.12 -40.19 -13.90
C ASN B 101 20.82 -38.87 -13.60
N LEU B 102 20.42 -38.24 -12.49
CA LEU B 102 20.95 -36.93 -12.11
C LEU B 102 21.42 -36.91 -10.67
N LYS B 103 22.35 -36.02 -10.36
CA LYS B 103 22.84 -35.84 -8.99
C LYS B 103 23.36 -34.43 -8.72
N ASN B 104 23.35 -34.04 -7.46
CA ASN B 104 23.74 -32.68 -7.06
C ASN B 104 22.74 -31.60 -7.52
N TYR B 105 21.46 -31.79 -7.23
CA TYR B 105 20.45 -30.85 -7.67
C TYR B 105 19.76 -30.13 -6.51
N SER B 106 20.05 -30.56 -5.29
CA SER B 106 19.63 -29.82 -4.10
C SER B 106 20.20 -28.42 -4.16
N ILE B 107 19.58 -27.51 -3.42
CA ILE B 107 19.97 -26.11 -3.45
C ILE B 107 21.43 -25.92 -3.04
N GLU B 108 21.81 -26.46 -1.89
CA GLU B 108 23.18 -26.31 -1.38
C GLU B 108 24.16 -27.09 -2.25
N GLU B 109 23.71 -28.22 -2.79
CA GLU B 109 24.53 -28.98 -3.72
C GLU B 109 24.94 -28.15 -4.94
N VAL B 110 23.99 -27.46 -5.56
CA VAL B 110 24.29 -26.69 -6.76
C VAL B 110 25.09 -25.45 -6.42
N ALA B 111 24.84 -24.88 -5.24
CA ALA B 111 25.59 -23.71 -4.81
C ALA B 111 27.07 -24.04 -4.62
N ASN B 112 27.35 -25.14 -3.94
CA ASN B 112 28.73 -25.58 -3.69
C ASN B 112 29.46 -25.91 -4.99
N LEU B 113 28.81 -26.67 -5.86
CA LEU B 113 29.32 -26.99 -7.17
C LEU B 113 29.73 -25.75 -7.96
N ILE B 114 28.92 -24.69 -7.86
CA ILE B 114 29.17 -23.45 -8.60
C ILE B 114 30.33 -22.63 -8.02
N TYR B 115 30.37 -22.51 -6.70
CA TYR B 115 31.47 -21.79 -6.06
C TYR B 115 32.79 -22.47 -6.40
N ASN B 116 32.86 -23.77 -6.14
CA ASN B 116 34.05 -24.56 -6.51
C ASN B 116 34.55 -24.24 -7.92
N LYS B 117 33.70 -24.51 -8.91
CA LYS B 117 34.06 -24.37 -10.32
C LYS B 117 34.24 -22.95 -10.85
N TYR B 118 33.39 -22.02 -10.43
CA TYR B 118 33.40 -20.68 -11.04
C TYR B 118 33.88 -19.53 -10.14
N GLY B 119 33.85 -19.74 -8.83
CA GLY B 119 34.19 -18.69 -7.88
C GLY B 119 32.96 -18.01 -7.29
N LYS B 120 33.14 -16.86 -6.63
CA LYS B 120 32.00 -16.11 -6.16
C LYS B 120 31.25 -15.50 -7.34
N ILE B 121 29.92 -15.40 -7.24
CA ILE B 121 29.15 -14.76 -8.29
C ILE B 121 28.48 -13.48 -7.82
N SER B 122 28.13 -12.63 -8.78
CA SER B 122 27.56 -11.33 -8.48
C SER B 122 26.03 -11.36 -8.43
N MET B 123 25.41 -12.17 -9.28
CA MET B 123 23.99 -12.03 -9.53
C MET B 123 23.21 -13.33 -9.35
N LEU B 124 22.02 -13.20 -8.76
CA LEU B 124 21.13 -14.33 -8.53
C LEU B 124 19.69 -14.00 -8.96
N VAL B 125 19.08 -14.90 -9.72
CA VAL B 125 17.71 -14.71 -10.18
C VAL B 125 16.83 -15.90 -9.82
N HIS B 126 15.69 -15.60 -9.21
CA HIS B 126 14.69 -16.60 -8.82
C HIS B 126 13.51 -16.47 -9.76
N SER B 127 13.38 -17.40 -10.69
CA SER B 127 12.25 -17.43 -11.61
C SER B 127 11.63 -18.81 -11.64
N LEU B 128 11.34 -19.32 -10.44
CA LEU B 128 10.77 -20.64 -10.29
C LEU B 128 9.52 -20.57 -9.42
N ALA B 129 8.54 -21.43 -9.73
CA ALA B 129 7.31 -21.48 -8.97
C ALA B 129 6.53 -22.74 -9.29
N ASN B 130 5.81 -23.24 -8.31
CA ASN B 130 5.05 -24.47 -8.49
C ASN B 130 4.04 -24.67 -7.36
N GLY B 131 2.92 -25.30 -7.68
CA GLY B 131 1.89 -25.61 -6.70
C GLY B 131 0.96 -26.67 -7.27
N ARG B 132 0.78 -27.76 -6.55
CA ARG B 132 -0.03 -28.88 -7.04
C ARG B 132 -1.51 -28.52 -7.23
N GLU B 133 -2.05 -27.67 -6.35
CA GLU B 133 -3.48 -27.39 -6.36
C GLU B 133 -3.90 -26.02 -6.90
N VAL B 134 -3.11 -25.46 -7.82
CA VAL B 134 -3.36 -24.08 -8.29
C VAL B 134 -4.73 -23.97 -8.96
N GLN B 135 -5.23 -25.08 -9.48
CA GLN B 135 -6.48 -25.10 -10.20
C GLN B 135 -7.66 -25.03 -9.23
N LYS B 136 -7.33 -25.09 -7.93
CA LYS B 136 -8.32 -24.97 -6.86
C LYS B 136 -8.37 -23.55 -6.28
N SER B 137 -9.56 -23.11 -5.91
CA SER B 137 -9.69 -21.83 -5.22
C SER B 137 -9.02 -21.94 -3.85
N LEU B 138 -8.51 -20.83 -3.33
CA LEU B 138 -7.84 -20.85 -2.03
C LEU B 138 -8.65 -21.55 -0.97
N LEU B 139 -9.96 -21.30 -0.97
CA LEU B 139 -10.90 -21.87 -0.01
C LEU B 139 -10.93 -23.40 -0.10
N ASP B 140 -10.87 -23.91 -1.32
CA ASP B 140 -10.94 -25.36 -1.53
C ASP B 140 -9.57 -26.02 -1.49
N THR B 141 -8.55 -25.29 -1.08
CA THR B 141 -7.18 -25.78 -1.10
C THR B 141 -6.80 -26.49 0.20
N SER B 142 -6.16 -27.66 0.08
CA SER B 142 -5.69 -28.43 1.22
C SER B 142 -4.41 -27.84 1.82
N ARG B 143 -4.09 -28.26 3.05
CA ARG B 143 -2.88 -27.80 3.74
C ARG B 143 -1.61 -28.27 3.02
N ASP B 144 -1.67 -29.50 2.50
CA ASP B 144 -0.54 -30.05 1.73
C ASP B 144 -0.31 -29.29 0.43
N GLY B 145 -1.40 -29.01 -0.31
CA GLY B 145 -1.28 -28.32 -1.58
C GLY B 145 -0.84 -26.88 -1.37
N TYR B 146 -1.45 -26.27 -0.37
CA TYR B 146 -1.13 -24.92 0.05
C TYR B 146 0.33 -24.86 0.45
N LEU B 147 0.72 -25.66 1.44
CA LEU B 147 2.08 -25.60 1.93
C LEU B 147 3.10 -25.96 0.83
N ASP B 148 2.66 -26.74 -0.16
CA ASP B 148 3.52 -27.06 -1.29
C ASP B 148 3.74 -25.84 -2.16
N ALA B 149 2.64 -25.16 -2.52
CA ALA B 149 2.74 -23.89 -3.22
C ALA B 149 3.77 -23.00 -2.55
N ILE B 150 3.68 -22.91 -1.22
CA ILE B 150 4.52 -21.98 -0.48
C ILE B 150 5.98 -22.45 -0.29
N SER B 151 6.19 -23.75 -0.18
CA SER B 151 7.53 -24.30 -0.10
C SER B 151 8.31 -24.07 -1.39
N LYS B 152 7.70 -24.44 -2.51
CA LYS B 152 8.31 -24.32 -3.82
C LYS B 152 8.41 -22.88 -4.30
N SER B 153 7.37 -22.11 -4.02
CA SER B 153 7.26 -20.77 -4.63
C SER B 153 7.87 -19.67 -3.78
N SER B 154 7.92 -19.87 -2.46
CA SER B 154 8.39 -18.82 -1.57
C SER B 154 9.64 -19.21 -0.79
N TYR B 155 9.56 -20.32 -0.05
CA TYR B 155 10.71 -20.71 0.74
C TYR B 155 11.97 -20.80 -0.14
N SER B 156 11.80 -21.32 -1.35
CA SER B 156 12.88 -21.36 -2.33
C SER B 156 13.68 -20.06 -2.35
N LEU B 157 13.02 -18.92 -2.36
CA LEU B 157 13.74 -17.64 -2.38
C LEU B 157 14.67 -17.54 -1.17
N ILE B 158 14.20 -18.04 -0.03
CA ILE B 158 15.01 -17.94 1.17
C ILE B 158 16.19 -18.91 1.16
N SER B 159 15.90 -20.17 0.84
CA SER B 159 16.93 -21.19 0.73
C SER B 159 18.04 -20.79 -0.24
N LEU B 160 17.67 -20.43 -1.45
CA LEU B 160 18.64 -19.87 -2.39
C LEU B 160 19.50 -18.81 -1.71
N CYS B 161 18.85 -17.84 -1.08
CA CYS B 161 19.57 -16.74 -0.45
C CYS B 161 20.49 -17.20 0.66
N LYS B 162 20.04 -18.18 1.43
CA LYS B 162 20.82 -18.71 2.54
C LYS B 162 22.08 -19.38 2.03
N HIS B 163 21.98 -20.01 0.87
CA HIS B 163 23.04 -20.91 0.39
C HIS B 163 24.02 -20.22 -0.52
N PHE B 164 23.62 -19.08 -1.08
CA PHE B 164 24.43 -18.40 -2.08
C PHE B 164 25.06 -17.11 -1.58
N CYS B 165 24.64 -16.63 -0.42
CA CYS B 165 25.03 -15.29 0.05
C CYS B 165 26.50 -15.19 0.44
N LYS B 166 27.04 -16.26 1.03
CA LYS B 166 28.46 -16.30 1.36
C LYS B 166 29.30 -16.54 0.12
N PHE B 167 28.68 -17.09 -0.91
CA PHE B 167 29.37 -17.32 -2.18
C PHE B 167 29.11 -16.19 -3.16
N MET B 168 28.70 -15.03 -2.66
CA MET B 168 28.36 -13.93 -3.54
C MET B 168 29.21 -12.70 -3.31
N ASN B 169 29.52 -11.99 -4.39
CA ASN B 169 30.31 -10.79 -4.29
C ASN B 169 29.60 -9.73 -3.45
N SER B 170 30.39 -8.93 -2.75
CA SER B 170 29.84 -7.81 -1.99
C SER B 170 29.23 -6.83 -2.97
N GLY B 171 27.97 -6.45 -2.71
CA GLY B 171 27.24 -5.56 -3.59
C GLY B 171 26.51 -6.34 -4.67
N GLY B 172 26.45 -7.64 -4.48
CA GLY B 172 25.73 -8.51 -5.41
C GLY B 172 24.25 -8.23 -5.31
N SER B 173 23.50 -8.70 -6.29
CA SER B 173 22.07 -8.42 -6.34
C SER B 173 21.31 -9.71 -6.58
N VAL B 174 20.03 -9.71 -6.19
CA VAL B 174 19.13 -10.85 -6.36
C VAL B 174 17.76 -10.33 -6.79
N VAL B 175 17.09 -11.03 -7.71
CA VAL B 175 15.70 -10.69 -8.02
C VAL B 175 14.84 -11.92 -8.25
N SER B 176 13.57 -11.81 -7.84
CA SER B 176 12.59 -12.87 -8.06
C SER B 176 11.41 -12.33 -8.84
N LEU B 177 10.47 -13.19 -9.19
CA LEU B 177 9.29 -12.73 -9.90
C LEU B 177 8.02 -12.92 -9.09
N THR B 178 7.15 -11.92 -9.08
CA THR B 178 5.87 -12.06 -8.40
C THR B 178 4.71 -11.68 -9.32
N TYR B 179 3.51 -11.60 -8.75
CA TYR B 179 2.31 -11.35 -9.54
C TYR B 179 1.27 -10.71 -8.64
N GLN B 180 0.51 -9.76 -9.20
CA GLN B 180 -0.32 -8.89 -8.38
C GLN B 180 -1.45 -9.60 -7.63
N ALA B 181 -1.66 -10.89 -7.92
CA ALA B 181 -2.67 -11.66 -7.21
C ALA B 181 -2.39 -11.72 -5.71
N SER B 182 -1.21 -11.30 -5.31
CA SER B 182 -0.85 -11.24 -3.90
C SER B 182 -1.49 -10.05 -3.20
N GLN B 183 -1.79 -9.01 -3.97
CA GLN B 183 -2.31 -7.74 -3.43
C GLN B 183 -3.76 -7.48 -3.77
N LYS B 184 -4.21 -7.99 -4.91
CA LYS B 184 -5.60 -7.88 -5.34
C LYS B 184 -6.12 -9.24 -5.80
N VAL B 185 -7.37 -9.53 -5.48
CA VAL B 185 -7.93 -10.86 -5.73
C VAL B 185 -7.95 -11.23 -7.20
N VAL B 186 -7.30 -12.34 -7.53
CA VAL B 186 -7.32 -12.84 -8.88
C VAL B 186 -7.88 -14.23 -8.84
N PRO B 187 -9.18 -14.37 -9.12
CA PRO B 187 -9.78 -15.70 -9.14
C PRO B 187 -9.12 -16.55 -10.24
N GLY B 188 -8.81 -17.80 -9.93
CA GLY B 188 -8.13 -18.66 -10.89
C GLY B 188 -6.70 -18.87 -10.48
N TYR B 189 -6.17 -17.93 -9.71
CA TYR B 189 -4.82 -18.01 -9.18
C TYR B 189 -4.85 -18.70 -7.82
N GLY B 190 -5.36 -19.92 -7.81
CA GLY B 190 -5.51 -20.67 -6.58
C GLY B 190 -4.32 -21.46 -6.07
N GLY B 191 -4.61 -22.44 -5.22
CA GLY B 191 -3.63 -23.37 -4.72
C GLY B 191 -2.73 -22.78 -3.65
N GLY B 192 -2.93 -21.51 -3.35
CA GLY B 192 -2.09 -20.82 -2.39
C GLY B 192 -0.96 -20.05 -3.06
N MET B 193 -1.01 -19.97 -4.39
CA MET B 193 -0.05 -19.16 -5.14
C MET B 193 -0.14 -17.67 -4.72
N SER B 194 -1.35 -17.15 -4.56
CA SER B 194 -1.51 -15.76 -4.14
C SER B 194 -0.80 -15.54 -2.79
N SER B 195 -0.94 -16.53 -1.91
CA SER B 195 -0.33 -16.52 -0.60
C SER B 195 1.17 -16.63 -0.74
N ALA B 196 1.60 -17.47 -1.67
CA ALA B 196 3.01 -17.68 -1.94
C ALA B 196 3.66 -16.36 -2.33
N LYS B 197 3.03 -15.67 -3.27
CA LYS B 197 3.56 -14.39 -3.74
C LYS B 197 3.53 -13.31 -2.67
N ALA B 198 2.50 -13.30 -1.81
CA ALA B 198 2.43 -12.34 -0.71
C ALA B 198 3.60 -12.54 0.24
N ALA B 199 3.84 -13.78 0.64
CA ALA B 199 4.99 -14.13 1.45
C ALA B 199 6.28 -13.75 0.73
N LEU B 200 6.36 -14.09 -0.54
CA LEU B 200 7.53 -13.75 -1.32
C LEU B 200 7.85 -12.26 -1.25
N GLU B 201 6.82 -11.44 -1.38
CA GLU B 201 7.03 -10.00 -1.46
C GLU B 201 7.46 -9.49 -0.10
N SER B 202 6.82 -10.00 0.94
CA SER B 202 7.17 -9.64 2.31
C SER B 202 8.58 -10.13 2.64
N ASP B 203 8.89 -11.37 2.23
CA ASP B 203 10.21 -11.95 2.44
C ASP B 203 11.28 -11.08 1.77
N THR B 204 10.99 -10.61 0.56
CA THR B 204 11.88 -9.71 -0.14
C THR B 204 12.35 -8.54 0.71
N ARG B 205 11.49 -8.08 1.60
CA ARG B 205 11.84 -6.96 2.45
C ARG B 205 12.73 -7.40 3.59
N VAL B 206 12.31 -8.44 4.28
CA VAL B 206 13.09 -8.99 5.38
C VAL B 206 14.48 -9.47 4.95
N LEU B 207 14.53 -10.24 3.86
CA LEU B 207 15.80 -10.66 3.27
C LEU B 207 16.67 -9.47 2.88
N ALA B 208 16.04 -8.37 2.46
CA ALA B 208 16.79 -7.18 2.07
C ALA B 208 17.48 -6.54 3.26
N TYR B 209 16.88 -6.72 4.44
CA TYR B 209 17.48 -6.21 5.65
C TYR B 209 18.73 -7.01 6.03
N TYR B 210 18.62 -8.34 5.95
CA TYR B 210 19.69 -9.25 6.38
C TYR B 210 20.81 -9.37 5.36
N LEU B 211 20.43 -9.43 4.09
CA LEU B 211 21.41 -9.52 3.03
C LEU B 211 22.12 -8.19 2.91
N GLY B 212 21.41 -7.11 3.24
CA GLY B 212 21.96 -5.78 3.07
C GLY B 212 22.93 -5.39 4.16
N ARG B 213 22.66 -5.83 5.38
CA ARG B 213 23.53 -5.48 6.50
C ARG B 213 24.74 -6.39 6.59
N LYS B 214 24.51 -7.68 6.36
CA LYS B 214 25.54 -8.70 6.59
C LYS B 214 26.47 -8.88 5.39
N TYR B 215 25.95 -8.65 4.18
CA TYR B 215 26.73 -8.91 2.98
C TYR B 215 26.78 -7.72 2.03
N ASN B 216 26.12 -6.62 2.42
CA ASN B 216 25.91 -5.55 1.47
C ASN B 216 25.31 -6.11 0.19
N ILE B 217 24.36 -7.03 0.34
CA ILE B 217 23.69 -7.62 -0.81
C ILE B 217 22.23 -7.12 -0.96
N ARG B 218 21.87 -6.81 -2.21
CA ARG B 218 20.55 -6.29 -2.52
C ARG B 218 19.59 -7.37 -3.00
N ILE B 219 18.33 -7.22 -2.62
CA ILE B 219 17.25 -8.06 -3.13
C ILE B 219 15.98 -7.27 -3.44
N ASN B 220 15.45 -7.51 -4.63
CA ASN B 220 14.21 -6.91 -5.08
C ASN B 220 13.38 -7.99 -5.76
N THR B 221 12.09 -7.73 -5.91
CA THR B 221 11.25 -8.63 -6.68
C THR B 221 10.53 -7.84 -7.75
N ILE B 222 10.19 -8.51 -8.84
CA ILE B 222 9.47 -7.87 -9.93
C ILE B 222 8.05 -8.42 -10.03
N SER B 223 7.07 -7.53 -10.01
CA SER B 223 5.70 -7.96 -10.25
C SER B 223 5.38 -7.84 -11.72
N ALA B 224 5.41 -8.97 -12.42
CA ALA B 224 5.28 -8.98 -13.87
C ALA B 224 3.84 -9.16 -14.32
N GLY B 225 3.53 -8.62 -15.49
CA GLY B 225 2.27 -8.89 -16.16
C GLY B 225 2.27 -10.25 -16.81
N PRO B 226 1.14 -10.62 -17.45
CA PRO B 226 0.97 -11.99 -17.92
C PRO B 226 1.92 -12.29 -19.08
N LEU B 227 2.46 -13.49 -19.11
CA LEU B 227 3.29 -13.92 -20.21
C LEU B 227 2.88 -15.32 -20.55
N LYS B 228 2.67 -15.59 -21.83
CA LYS B 228 2.25 -16.92 -22.26
C LYS B 228 3.43 -17.90 -22.18
N SER B 229 3.91 -18.14 -20.95
CA SER B 229 4.96 -19.11 -20.71
C SER B 229 4.37 -20.50 -20.61
N ARG B 230 5.23 -21.51 -20.46
CA ARG B 230 4.76 -22.88 -20.31
C ARG B 230 3.93 -23.07 -19.03
N ALA B 231 4.46 -22.59 -17.90
CA ALA B 231 3.72 -22.69 -16.63
C ALA B 231 2.34 -22.02 -16.70
N ALA B 232 2.30 -20.81 -17.25
CA ALA B 232 1.05 -20.05 -17.35
C ALA B 232 0.05 -20.72 -18.29
N THR B 233 0.53 -21.63 -19.11
CA THR B 233 -0.31 -22.32 -20.09
C THR B 233 -1.21 -23.37 -19.44
N ALA B 234 -0.74 -23.97 -18.35
CA ALA B 234 -1.44 -25.06 -17.65
C ALA B 234 -2.88 -24.71 -17.30
N ILE B 235 -3.07 -23.60 -16.61
CA ILE B 235 -4.39 -23.12 -16.21
C ILE B 235 -5.01 -22.28 -17.34
N TYR B 257 -9.01 -23.64 -19.05
CA TYR B 257 -9.58 -22.94 -20.21
C TYR B 257 -8.84 -21.62 -20.49
N SER B 258 -7.51 -21.71 -20.41
CA SER B 258 -6.60 -20.60 -20.66
C SER B 258 -6.84 -19.35 -19.81
N PHE B 259 -6.52 -19.47 -18.53
CA PHE B 259 -6.42 -18.35 -17.64
C PHE B 259 -5.50 -17.29 -18.25
N ILE B 260 -4.44 -17.76 -18.91
CA ILE B 260 -3.39 -16.88 -19.38
C ILE B 260 -3.76 -16.08 -20.62
N ASP B 261 -4.53 -16.68 -21.52
CA ASP B 261 -5.03 -15.97 -22.69
C ASP B 261 -5.95 -14.82 -22.29
N TYR B 262 -6.88 -15.10 -21.36
CA TYR B 262 -7.75 -14.06 -20.85
C TYR B 262 -6.93 -12.93 -20.23
N ALA B 263 -5.98 -13.27 -19.36
CA ALA B 263 -5.20 -12.26 -18.66
C ALA B 263 -4.34 -11.43 -19.61
N ILE B 264 -3.77 -12.07 -20.62
CA ILE B 264 -2.99 -11.31 -21.59
C ILE B 264 -3.87 -10.32 -22.34
N ASP B 265 -5.01 -10.78 -22.84
CA ASP B 265 -5.95 -9.94 -23.57
C ASP B 265 -6.41 -8.78 -22.71
N TYR B 266 -6.89 -9.10 -21.52
CA TYR B 266 -7.31 -8.08 -20.56
C TYR B 266 -6.24 -6.99 -20.44
N SER B 267 -5.01 -7.41 -20.19
CA SER B 267 -3.91 -6.48 -20.03
C SER B 267 -3.67 -5.66 -21.30
N GLU B 268 -3.64 -6.32 -22.45
CA GLU B 268 -3.41 -5.62 -23.70
C GLU B 268 -4.52 -4.63 -24.01
N LYS B 269 -5.73 -4.92 -23.54
CA LYS B 269 -6.85 -4.02 -23.78
C LYS B 269 -6.88 -2.83 -22.81
N TYR B 270 -6.61 -3.08 -21.53
CA TYR B 270 -6.85 -2.05 -20.51
C TYR B 270 -5.63 -1.42 -19.81
N ALA B 271 -4.45 -2.01 -19.95
CA ALA B 271 -3.24 -1.36 -19.42
C ALA B 271 -3.07 0.07 -19.95
N PRO B 272 -2.47 0.96 -19.14
CA PRO B 272 -2.20 2.33 -19.60
C PRO B 272 -1.35 2.34 -20.89
N LEU B 273 -0.44 1.37 -21.02
CA LEU B 273 0.34 1.18 -22.25
C LEU B 273 -0.14 -0.06 -23.04
N LYS B 274 -0.53 0.17 -24.29
CA LYS B 274 -1.17 -0.87 -25.11
C LYS B 274 -0.25 -1.94 -25.73
N LYS B 275 1.05 -1.83 -25.56
CA LYS B 275 1.96 -2.73 -26.25
C LYS B 275 1.82 -4.18 -25.75
N LYS B 276 2.39 -5.11 -26.51
CA LYS B 276 2.53 -6.48 -26.01
C LYS B 276 3.72 -6.52 -25.04
N LEU B 277 3.55 -7.27 -23.95
CA LEU B 277 4.60 -7.37 -22.95
C LEU B 277 5.47 -8.58 -23.27
N LEU B 278 6.78 -8.36 -23.32
CA LEU B 278 7.71 -9.42 -23.71
C LEU B 278 8.60 -9.84 -22.54
N SER B 279 9.06 -11.09 -22.57
CA SER B 279 9.92 -11.61 -21.51
C SER B 279 11.16 -10.76 -21.30
N THR B 280 11.58 -10.03 -22.33
CA THR B 280 12.75 -9.17 -22.22
C THR B 280 12.41 -7.80 -21.60
N ASP B 281 11.12 -7.47 -21.57
CA ASP B 281 10.67 -6.29 -20.83
C ASP B 281 10.99 -6.48 -19.35
N VAL B 282 10.62 -7.63 -18.82
CA VAL B 282 10.99 -7.99 -17.46
C VAL B 282 12.50 -8.25 -17.35
N GLY B 283 13.05 -8.90 -18.36
CA GLY B 283 14.48 -9.19 -18.41
C GLY B 283 15.36 -7.97 -18.24
N SER B 284 15.04 -6.89 -18.95
CA SER B 284 15.85 -5.67 -18.85
C SER B 284 15.69 -4.95 -17.51
N VAL B 285 14.49 -5.02 -16.92
CA VAL B 285 14.26 -4.44 -15.59
C VAL B 285 15.08 -5.21 -14.57
N ALA B 286 15.05 -6.54 -14.69
CA ALA B 286 15.87 -7.45 -13.87
C ALA B 286 17.37 -7.17 -14.01
N SER B 287 17.84 -7.10 -15.25
CA SER B 287 19.25 -6.81 -15.53
C SER B 287 19.65 -5.52 -14.82
N PHE B 288 18.79 -4.50 -14.92
CA PHE B 288 19.04 -3.23 -14.24
C PHE B 288 19.05 -3.37 -12.71
N LEU B 289 18.08 -4.13 -12.17
CA LEU B 289 18.04 -4.36 -10.73
C LEU B 289 19.27 -5.15 -10.28
N LEU B 290 19.81 -5.96 -11.19
CA LEU B 290 20.93 -6.85 -10.91
C LEU B 290 22.27 -6.16 -11.08
N SER B 291 22.23 -4.90 -11.51
CA SER B 291 23.45 -4.15 -11.81
C SER B 291 23.65 -3.07 -10.76
N LYS B 292 24.78 -2.38 -10.84
CA LYS B 292 25.16 -1.40 -9.83
C LYS B 292 24.48 -0.05 -10.04
N GLU B 293 23.69 0.06 -11.10
CA GLU B 293 22.87 1.26 -11.34
C GLU B 293 21.73 1.38 -10.33
N SER B 294 21.24 0.24 -9.84
CA SER B 294 20.21 0.23 -8.82
C SER B 294 20.85 0.06 -7.43
N SER B 295 22.04 0.65 -7.27
CA SER B 295 22.82 0.54 -6.05
C SER B 295 22.03 0.84 -4.78
N ALA B 296 21.15 1.84 -4.83
CA ALA B 296 20.40 2.24 -3.64
C ALA B 296 18.93 1.82 -3.67
N VAL B 297 18.63 0.72 -4.37
CA VAL B 297 17.27 0.19 -4.46
C VAL B 297 17.21 -1.25 -3.95
N THR B 298 16.51 -1.45 -2.84
CA THR B 298 16.43 -2.76 -2.24
C THR B 298 15.16 -2.91 -1.41
N GLY B 299 14.66 -4.14 -1.35
CA GLY B 299 13.47 -4.47 -0.58
C GLY B 299 12.21 -4.31 -1.41
N GLN B 300 12.39 -3.87 -2.65
CA GLN B 300 11.29 -3.37 -3.47
C GLN B 300 10.53 -4.39 -4.29
N THR B 301 9.23 -4.13 -4.45
CA THR B 301 8.41 -4.76 -5.46
C THR B 301 8.23 -3.79 -6.63
N ILE B 302 8.80 -4.13 -7.77
CA ILE B 302 8.76 -3.31 -8.98
C ILE B 302 7.81 -3.88 -10.01
N TYR B 303 6.92 -3.02 -10.52
CA TYR B 303 5.90 -3.46 -11.45
C TYR B 303 6.33 -3.31 -12.90
N VAL B 304 6.32 -4.42 -13.60
CA VAL B 304 6.68 -4.42 -15.01
C VAL B 304 5.52 -5.05 -15.72
N ASP B 305 4.50 -4.25 -15.99
CA ASP B 305 3.18 -4.79 -16.35
C ASP B 305 2.44 -3.79 -17.22
N ASN B 306 3.21 -2.91 -17.86
CA ASN B 306 2.66 -1.89 -18.73
C ASN B 306 1.71 -0.97 -17.99
N GLY B 307 1.88 -0.92 -16.67
CA GLY B 307 1.08 -0.07 -15.79
C GLY B 307 -0.30 -0.59 -15.40
N LEU B 308 -0.65 -1.81 -15.78
CA LEU B 308 -1.98 -2.33 -15.47
C LEU B 308 -2.36 -2.20 -13.97
N ASN B 309 -1.36 -2.38 -13.10
CA ASN B 309 -1.56 -2.31 -11.64
C ASN B 309 -2.24 -1.04 -11.13
N ILE B 310 -2.12 0.06 -11.88
CA ILE B 310 -2.63 1.36 -11.45
C ILE B 310 -4.12 1.60 -11.75
N MET B 311 -4.69 0.87 -12.71
CA MET B 311 -6.07 1.11 -13.10
C MET B 311 -7.03 0.57 -12.06
N PHE B 312 -8.14 1.28 -11.85
CA PHE B 312 -9.21 0.84 -10.97
C PHE B 312 -9.86 -0.42 -11.54
N GLY B 313 -10.02 -0.44 -12.86
CA GLY B 313 -10.74 -1.49 -13.55
C GLY B 313 -10.76 -1.22 -15.05
N PRO B 314 -11.66 -1.87 -15.79
CA PRO B 314 -11.76 -1.69 -17.24
C PRO B 314 -12.23 -0.28 -17.58
N ASP B 315 -11.45 0.44 -18.38
CA ASP B 315 -11.75 1.86 -18.62
C ASP B 315 -12.77 2.08 -19.72
N ASP B 316 -13.27 1.02 -20.33
CA ASP B 316 -14.45 1.15 -21.16
C ASP B 316 -15.70 1.16 -20.28
N ASN C 7 20.84 12.30 -31.76
CA ASN C 7 21.04 12.22 -30.31
C ASN C 7 19.82 12.70 -29.52
N GLU C 8 19.48 11.96 -28.47
CA GLU C 8 18.26 12.22 -27.69
C GLU C 8 18.42 13.36 -26.68
N ILE C 9 17.32 14.04 -26.40
CA ILE C 9 17.34 15.20 -25.50
C ILE C 9 16.46 15.02 -24.27
N CYS C 10 16.94 15.50 -23.13
CA CYS C 10 16.14 15.53 -21.93
C CYS C 10 16.01 16.96 -21.40
N PHE C 11 14.78 17.40 -21.15
CA PHE C 11 14.57 18.68 -20.47
C PHE C 11 14.42 18.51 -18.96
N ILE C 12 15.28 19.19 -18.21
CA ILE C 12 15.33 19.06 -16.76
C ILE C 12 14.97 20.37 -16.06
N ALA C 13 13.74 20.44 -15.55
CA ALA C 13 13.29 21.59 -14.76
C ALA C 13 13.66 21.40 -13.30
N GLY C 14 14.29 22.41 -12.72
CA GLY C 14 14.62 22.39 -11.30
C GLY C 14 16.11 22.23 -11.01
N VAL C 15 16.92 23.02 -11.69
CA VAL C 15 18.34 23.06 -11.35
C VAL C 15 18.78 24.51 -11.19
N GLY C 16 19.17 24.87 -9.97
CA GLY C 16 19.73 26.19 -9.70
C GLY C 16 21.20 26.09 -9.34
N ASP C 17 21.68 24.86 -9.21
CA ASP C 17 23.06 24.62 -8.87
C ASP C 17 23.40 23.18 -9.23
N SER C 18 24.41 22.63 -8.56
CA SER C 18 24.93 21.32 -8.88
C SER C 18 24.88 20.40 -7.67
N ASN C 19 24.30 20.92 -6.59
CA ASN C 19 24.27 20.20 -5.33
C ASN C 19 22.98 19.43 -5.10
N GLY C 20 22.19 19.26 -6.15
CA GLY C 20 20.88 18.66 -6.04
C GLY C 20 20.72 17.37 -6.84
N TYR C 21 19.46 17.01 -7.09
CA TYR C 21 19.17 15.78 -7.78
C TYR C 21 19.11 15.98 -9.28
N GLY C 22 18.70 17.18 -9.68
CA GLY C 22 18.61 17.50 -11.09
C GLY C 22 19.98 17.37 -11.75
N TRP C 23 21.00 17.82 -11.03
CA TRP C 23 22.36 17.77 -11.56
C TRP C 23 22.82 16.33 -11.68
N GLY C 24 22.58 15.56 -10.62
CA GLY C 24 22.93 14.15 -10.61
C GLY C 24 22.26 13.40 -11.75
N ILE C 25 21.06 13.85 -12.11
CA ILE C 25 20.31 13.21 -13.16
C ILE C 25 20.92 13.55 -14.53
N ALA C 26 21.27 14.82 -14.71
CA ALA C 26 22.05 15.28 -15.86
C ALA C 26 23.32 14.45 -16.04
N LYS C 27 24.12 14.36 -14.99
CA LYS C 27 25.38 13.64 -15.05
C LYS C 27 25.21 12.23 -15.55
N GLU C 28 24.28 11.49 -14.93
CA GLU C 28 24.05 10.09 -15.24
C GLU C 28 23.48 9.90 -16.63
N LEU C 29 22.81 10.94 -17.12
CA LEU C 29 22.24 10.91 -18.45
C LEU C 29 23.35 11.12 -19.48
N SER C 30 24.25 12.04 -19.16
CA SER C 30 25.45 12.28 -19.95
C SER C 30 26.24 10.99 -20.19
N LYS C 31 26.28 10.11 -19.19
CA LYS C 31 26.93 8.83 -19.34
C LYS C 31 26.31 8.01 -20.47
N ARG C 32 25.12 8.42 -20.89
CA ARG C 32 24.32 7.63 -21.83
C ARG C 32 24.22 8.30 -23.19
N ASN C 33 24.93 9.41 -23.35
CA ASN C 33 24.93 10.15 -24.60
C ASN C 33 23.58 10.77 -24.88
N VAL C 34 22.99 11.35 -23.84
CA VAL C 34 21.74 12.08 -24.00
C VAL C 34 22.03 13.54 -23.71
N LYS C 35 21.61 14.40 -24.62
CA LYS C 35 21.88 15.83 -24.45
C LYS C 35 20.87 16.41 -23.47
N VAL C 36 21.18 17.55 -22.88
CA VAL C 36 20.43 18.04 -21.73
C VAL C 36 20.14 19.55 -21.75
N ILE C 37 18.90 19.89 -21.40
CA ILE C 37 18.46 21.28 -21.32
C ILE C 37 18.03 21.57 -19.89
N PHE C 38 18.52 22.67 -19.32
CA PHE C 38 18.14 23.03 -17.96
C PHE C 38 17.09 24.14 -17.89
N GLY C 39 16.07 23.95 -17.05
CA GLY C 39 15.15 25.00 -16.71
C GLY C 39 15.53 25.56 -15.34
N VAL C 40 15.69 26.87 -15.25
CA VAL C 40 16.20 27.45 -14.02
C VAL C 40 15.26 28.52 -13.51
N TRP C 41 15.08 28.55 -12.19
CA TRP C 41 14.25 29.55 -11.55
C TRP C 41 14.89 30.91 -11.76
N PRO C 42 14.23 31.78 -12.54
CA PRO C 42 14.75 33.10 -12.90
C PRO C 42 15.56 33.82 -11.82
N PRO C 43 15.03 33.91 -10.58
CA PRO C 43 15.80 34.65 -9.56
C PRO C 43 17.18 34.04 -9.26
N VAL C 44 17.61 33.04 -10.02
CA VAL C 44 18.96 32.49 -9.88
C VAL C 44 19.57 32.09 -11.21
N TYR C 45 18.85 32.37 -12.30
CA TYR C 45 19.34 32.06 -13.65
C TYR C 45 20.58 32.87 -13.99
N ASN C 46 20.59 34.15 -13.61
CA ASN C 46 21.73 35.00 -13.89
C ASN C 46 23.00 34.57 -13.15
N ILE C 47 22.82 34.00 -11.95
CA ILE C 47 23.94 33.52 -11.17
C ILE C 47 24.37 32.13 -11.64
N PHE C 48 23.41 31.31 -12.06
CA PHE C 48 23.74 29.97 -12.51
C PHE C 48 24.53 30.03 -13.80
N ILE C 49 24.06 30.83 -14.75
CA ILE C 49 24.74 30.94 -16.03
C ILE C 49 26.16 31.47 -15.84
N LYS C 50 26.33 32.39 -14.90
CA LYS C 50 27.65 32.93 -14.57
C LYS C 50 28.62 31.86 -14.05
N ASN C 51 28.20 31.10 -13.05
CA ASN C 51 29.05 30.06 -12.50
C ASN C 51 29.33 28.97 -13.53
N LEU C 52 28.43 28.84 -14.48
CA LEU C 52 28.65 27.91 -15.58
C LEU C 52 29.59 28.55 -16.62
N GLU C 53 29.64 29.88 -16.60
CA GLU C 53 30.56 30.62 -17.46
C GLU C 53 31.99 30.45 -16.97
N SER C 54 32.17 30.66 -15.67
CA SER C 54 33.49 30.68 -15.07
C SER C 54 34.13 29.29 -14.96
N GLY C 55 33.42 28.26 -15.42
CA GLY C 55 33.92 26.90 -15.32
C GLY C 55 33.80 26.35 -13.91
N LYS C 56 33.09 27.08 -13.06
CA LYS C 56 32.88 26.67 -11.67
C LYS C 56 32.27 25.27 -11.53
N PHE C 57 31.60 24.80 -12.59
CA PHE C 57 30.91 23.52 -12.53
C PHE C 57 31.69 22.42 -13.25
N ASP C 58 32.81 22.78 -13.85
CA ASP C 58 33.59 21.83 -14.65
C ASP C 58 34.03 20.62 -13.85
N LYS C 59 34.11 20.78 -12.53
CA LYS C 59 34.44 19.67 -11.64
C LYS C 59 33.43 18.55 -11.80
N ASP C 60 32.16 18.87 -11.61
CA ASP C 60 31.09 17.89 -11.62
C ASP C 60 30.65 17.49 -13.04
N MET C 61 30.91 18.37 -14.00
CA MET C 61 30.49 18.11 -15.38
C MET C 61 31.23 16.96 -16.03
N ILE C 62 32.35 16.57 -15.42
CA ILE C 62 33.28 15.66 -16.10
C ILE C 62 32.90 14.18 -16.06
N ILE C 63 32.99 13.56 -17.23
CA ILE C 63 32.86 12.13 -17.38
C ILE C 63 33.11 11.79 -18.85
N ARG C 70 32.37 14.22 -21.08
CA ARG C 70 31.88 15.53 -20.67
C ARG C 70 30.35 15.65 -20.74
N MET C 71 29.76 16.28 -19.73
CA MET C 71 28.32 16.57 -19.78
C MET C 71 28.04 17.63 -20.85
N GLN C 72 27.35 17.24 -21.90
CA GLN C 72 27.04 18.17 -22.97
C GLN C 72 25.72 18.89 -22.76
N ILE C 73 25.80 20.09 -22.17
CA ILE C 73 24.63 20.92 -21.91
C ILE C 73 24.17 21.66 -23.16
N LEU C 74 23.05 21.24 -23.72
CA LEU C 74 22.49 21.88 -24.90
C LEU C 74 22.05 23.32 -24.67
N ASP C 75 21.31 23.56 -23.60
CA ASP C 75 20.78 24.91 -23.38
C ASP C 75 20.46 25.12 -21.91
N VAL C 76 20.33 26.39 -21.52
CA VAL C 76 19.87 26.74 -20.19
C VAL C 76 18.86 27.83 -20.42
N LEU C 77 17.64 27.63 -19.91
CA LEU C 77 16.56 28.58 -20.10
C LEU C 77 15.99 28.93 -18.74
N PRO C 78 15.54 30.16 -18.57
CA PRO C 78 14.84 30.53 -17.34
C PRO C 78 13.47 29.89 -17.35
N LEU C 79 13.14 29.16 -16.30
CA LEU C 79 11.81 28.58 -16.17
C LEU C 79 11.24 28.86 -14.78
N ASP C 80 10.08 29.51 -14.74
CA ASP C 80 9.31 29.59 -13.50
C ASP C 80 8.07 28.71 -13.60
N ALA C 81 8.08 27.61 -12.86
CA ALA C 81 7.02 26.61 -12.92
C ALA C 81 5.76 27.04 -12.16
N GLY C 82 5.78 28.29 -11.69
CA GLY C 82 4.61 28.89 -11.09
C GLY C 82 3.65 29.40 -12.16
N PHE C 83 4.20 29.74 -13.33
CA PHE C 83 3.41 30.29 -14.42
C PHE C 83 3.29 29.30 -15.58
N ASP C 84 2.06 29.05 -16.03
CA ASP C 84 1.81 28.06 -17.07
C ASP C 84 1.97 28.67 -18.45
N ASN C 85 1.53 29.91 -18.60
CA ASN C 85 1.68 30.61 -19.85
C ASN C 85 1.86 32.10 -19.62
N TYR C 86 2.16 32.83 -20.69
CA TYR C 86 2.46 34.24 -20.60
C TYR C 86 1.44 35.04 -19.79
N ASP C 87 0.15 34.83 -20.06
CA ASP C 87 -0.91 35.64 -19.45
C ASP C 87 -1.09 35.48 -17.93
N ASP C 88 -0.44 34.47 -17.34
CA ASP C 88 -0.54 34.23 -15.91
C ASP C 88 0.39 35.13 -15.10
N ILE C 89 1.46 35.60 -15.75
CA ILE C 89 2.40 36.49 -15.09
C ILE C 89 1.69 37.79 -14.75
N ASP C 90 1.73 38.16 -13.47
CA ASP C 90 1.05 39.35 -12.98
C ASP C 90 1.92 40.59 -13.14
N GLU C 91 1.29 41.75 -13.06
CA GLU C 91 2.00 43.03 -13.17
C GLU C 91 3.27 43.09 -12.34
N ASP C 92 3.22 42.56 -11.12
CA ASP C 92 4.31 42.76 -10.15
C ASP C 92 5.58 41.96 -10.43
N THR C 93 5.43 40.70 -10.82
CA THR C 93 6.61 39.89 -11.09
C THR C 93 7.27 40.31 -12.39
N LYS C 94 6.48 40.86 -13.31
CA LYS C 94 7.06 41.49 -14.49
C LYS C 94 7.97 42.63 -14.05
N ASN C 95 7.45 43.48 -13.17
CA ASN C 95 8.19 44.61 -12.62
C ASN C 95 9.00 44.23 -11.39
N ASN C 96 9.72 43.10 -11.48
CA ASN C 96 10.62 42.70 -10.40
C ASN C 96 12.06 42.55 -10.88
N LYS C 97 13.00 42.96 -10.04
CA LYS C 97 14.43 42.98 -10.40
C LYS C 97 15.01 41.57 -10.53
N ARG C 98 14.37 40.60 -9.87
CA ARG C 98 14.81 39.23 -9.98
C ARG C 98 14.65 38.71 -11.41
N TYR C 99 13.56 39.13 -12.05
CA TYR C 99 13.23 38.64 -13.39
C TYR C 99 13.69 39.58 -14.52
N ASN C 100 13.74 40.89 -14.23
CA ASN C 100 13.96 41.93 -15.25
C ASN C 100 14.71 41.55 -16.52
N ASN C 101 15.84 40.87 -16.34
CA ASN C 101 16.74 40.52 -17.43
C ASN C 101 16.17 39.42 -18.35
N LEU C 102 15.02 38.85 -17.98
CA LEU C 102 14.60 37.55 -18.49
C LEU C 102 13.13 37.46 -18.88
N LYS C 103 12.85 36.89 -20.05
CA LYS C 103 11.48 36.60 -20.48
C LYS C 103 11.36 35.21 -21.11
N ASN C 104 10.14 34.85 -21.50
CA ASN C 104 9.88 33.51 -22.05
C ASN C 104 9.98 32.37 -21.03
N TYR C 105 9.63 32.64 -19.78
CA TYR C 105 9.86 31.68 -18.71
C TYR C 105 8.62 30.92 -18.16
N SER C 106 7.48 31.03 -18.82
CA SER C 106 6.29 30.26 -18.46
C SER C 106 6.40 28.87 -19.04
N ILE C 107 5.84 27.89 -18.34
CA ILE C 107 5.93 26.52 -18.80
C ILE C 107 5.64 26.37 -20.30
N GLU C 108 4.62 27.06 -20.78
CA GLU C 108 4.25 27.03 -22.20
C GLU C 108 5.33 27.67 -23.06
N GLU C 109 5.87 28.79 -22.58
CA GLU C 109 6.87 29.56 -23.33
C GLU C 109 8.15 28.78 -23.58
N VAL C 110 8.65 28.10 -22.55
CA VAL C 110 9.88 27.33 -22.72
C VAL C 110 9.59 26.04 -23.50
N ALA C 111 8.36 25.53 -23.40
CA ALA C 111 8.02 24.35 -24.18
C ALA C 111 8.00 24.66 -25.68
N ASN C 112 7.45 25.81 -26.03
CA ASN C 112 7.44 26.25 -27.42
C ASN C 112 8.86 26.58 -27.90
N LEU C 113 9.54 27.38 -27.09
CA LEU C 113 10.92 27.76 -27.35
C LEU C 113 11.78 26.53 -27.61
N ILE C 114 11.61 25.50 -26.80
CA ILE C 114 12.38 24.26 -26.94
C ILE C 114 12.03 23.48 -28.20
N TYR C 115 10.74 23.39 -28.50
CA TYR C 115 10.29 22.65 -29.68
C TYR C 115 10.67 23.35 -30.98
N ASN C 116 10.58 24.68 -30.99
CA ASN C 116 10.94 25.47 -32.17
C ASN C 116 12.40 25.29 -32.57
N LYS C 117 13.28 25.26 -31.57
CA LYS C 117 14.72 25.18 -31.79
C LYS C 117 15.21 23.73 -31.97
N TYR C 118 14.55 22.78 -31.29
CA TYR C 118 15.08 21.42 -31.27
C TYR C 118 14.15 20.34 -31.83
N GLY C 119 12.86 20.65 -31.93
CA GLY C 119 11.86 19.65 -32.32
C GLY C 119 11.42 18.79 -31.15
N LYS C 120 10.84 17.62 -31.44
CA LYS C 120 10.37 16.73 -30.39
C LYS C 120 11.51 16.11 -29.56
N ILE C 121 11.36 16.15 -28.23
CA ILE C 121 12.33 15.54 -27.32
C ILE C 121 11.81 14.21 -26.76
N SER C 122 12.70 13.42 -26.17
CA SER C 122 12.38 12.07 -25.72
C SER C 122 12.17 11.93 -24.21
N MET C 123 12.66 12.90 -23.43
CA MET C 123 12.78 12.76 -21.99
C MET C 123 12.44 14.05 -21.26
N LEU C 124 11.71 13.93 -20.15
CA LEU C 124 11.33 15.10 -19.36
C LEU C 124 11.63 14.83 -17.89
N VAL C 125 12.10 15.83 -17.17
CA VAL C 125 12.34 15.66 -15.73
C VAL C 125 11.82 16.82 -14.91
N HIS C 126 11.11 16.47 -13.85
CA HIS C 126 10.56 17.40 -12.90
C HIS C 126 11.37 17.23 -11.62
N SER C 127 12.14 18.23 -11.24
CA SER C 127 12.89 18.16 -9.98
C SER C 127 12.89 19.51 -9.31
N LEU C 128 11.71 19.93 -8.90
CA LEU C 128 11.52 21.22 -8.28
C LEU C 128 10.35 21.15 -7.33
N ALA C 129 10.53 21.78 -6.17
CA ALA C 129 9.47 21.94 -5.21
C ALA C 129 9.61 23.32 -4.57
N ASN C 130 8.55 23.77 -3.93
CA ASN C 130 8.63 24.93 -3.05
C ASN C 130 7.34 25.08 -2.28
N GLY C 131 7.48 25.65 -1.09
CA GLY C 131 6.36 25.96 -0.23
C GLY C 131 6.89 26.93 0.80
N ARG C 132 6.09 27.96 1.10
CA ARG C 132 6.55 29.06 1.92
C ARG C 132 6.25 28.90 3.41
N GLU C 133 5.68 27.76 3.80
CA GLU C 133 5.36 27.54 5.20
C GLU C 133 5.81 26.16 5.62
N VAL C 134 6.73 25.61 4.84
CA VAL C 134 7.30 24.31 5.12
C VAL C 134 7.86 24.31 6.53
N GLN C 135 8.08 25.50 7.05
CA GLN C 135 8.58 25.71 8.41
C GLN C 135 7.51 25.46 9.49
N LYS C 136 6.23 25.60 9.09
CA LYS C 136 5.12 25.35 10.00
C LYS C 136 4.64 23.91 9.92
N SER C 137 3.98 23.44 10.97
CA SER C 137 3.37 22.10 10.94
C SER C 137 2.17 22.11 10.01
N LEU C 138 1.75 20.93 9.54
CA LEU C 138 0.63 20.88 8.59
C LEU C 138 -0.62 21.51 9.19
N LEU C 139 -0.76 21.35 10.49
CA LEU C 139 -1.91 21.87 11.21
C LEU C 139 -1.83 23.39 11.35
N ASP C 140 -0.61 23.92 11.36
CA ASP C 140 -0.41 25.38 11.51
C ASP C 140 -0.39 26.11 10.16
N THR C 141 -0.40 25.36 9.06
CA THR C 141 -0.32 25.91 7.72
C THR C 141 -1.61 26.62 7.31
N SER C 142 -1.47 27.69 6.52
CA SER C 142 -2.62 28.46 6.06
C SER C 142 -3.05 28.01 4.66
N ARG C 143 -4.22 28.47 4.25
CA ARG C 143 -4.77 28.06 2.97
C ARG C 143 -3.83 28.49 1.83
N ASP C 144 -3.29 29.70 1.91
CA ASP C 144 -2.46 30.19 0.83
C ASP C 144 -1.08 29.51 0.83
N GLY C 145 -0.52 29.28 2.02
CA GLY C 145 0.72 28.53 2.13
C GLY C 145 0.58 27.10 1.64
N TYR C 146 -0.49 26.44 2.10
CA TYR C 146 -0.80 25.08 1.71
C TYR C 146 -0.95 24.99 0.21
N LEU C 147 -1.75 25.90 -0.35
CA LEU C 147 -2.07 25.84 -1.77
C LEU C 147 -0.85 26.23 -2.59
N ASP C 148 0.04 27.02 -2.00
CA ASP C 148 1.29 27.36 -2.66
C ASP C 148 2.18 26.13 -2.78
N ALA C 149 2.31 25.39 -1.68
CA ALA C 149 3.13 24.19 -1.70
C ALA C 149 2.67 23.28 -2.83
N ILE C 150 1.36 23.24 -3.05
CA ILE C 150 0.78 22.30 -4.00
C ILE C 150 0.92 22.81 -5.43
N SER C 151 0.66 24.10 -5.61
CA SER C 151 0.85 24.74 -6.89
C SER C 151 2.27 24.52 -7.43
N LYS C 152 3.28 24.83 -6.62
CA LYS C 152 4.65 24.80 -7.10
C LYS C 152 5.15 23.36 -7.25
N SER C 153 4.87 22.54 -6.26
CA SER C 153 5.52 21.25 -6.17
C SER C 153 4.76 20.17 -6.89
N SER C 154 3.51 20.45 -7.21
CA SER C 154 2.61 19.40 -7.65
C SER C 154 1.90 19.68 -8.97
N TYR C 155 1.13 20.76 -9.03
CA TYR C 155 0.42 21.07 -10.26
C TYR C 155 1.41 21.23 -11.40
N SER C 156 2.52 21.89 -11.11
CA SER C 156 3.59 22.11 -12.07
C SER C 156 3.96 20.87 -12.89
N LEU C 157 3.96 19.71 -12.23
CA LEU C 157 4.19 18.46 -12.94
C LEU C 157 3.13 18.21 -14.00
N ILE C 158 1.89 18.55 -13.70
CA ILE C 158 0.81 18.43 -14.67
C ILE C 158 0.91 19.52 -15.75
N SER C 159 1.31 20.71 -15.35
CA SER C 159 1.57 21.76 -16.33
C SER C 159 2.73 21.43 -17.27
N LEU C 160 3.81 20.83 -16.77
CA LEU C 160 4.87 20.37 -17.64
C LEU C 160 4.36 19.33 -18.63
N CYS C 161 3.61 18.36 -18.15
CA CYS C 161 3.17 17.29 -19.03
C CYS C 161 2.19 17.79 -20.08
N LYS C 162 1.30 18.69 -19.67
CA LYS C 162 0.31 19.23 -20.57
C LYS C 162 0.97 19.98 -21.73
N HIS C 163 2.04 20.70 -21.42
CA HIS C 163 2.68 21.56 -22.41
C HIS C 163 3.80 20.89 -23.20
N PHE C 164 4.48 19.92 -22.59
CA PHE C 164 5.64 19.31 -23.25
C PHE C 164 5.32 18.06 -24.04
N CYS C 165 4.21 17.40 -23.72
CA CYS C 165 3.98 16.05 -24.20
C CYS C 165 3.52 15.96 -25.67
N LYS C 166 2.92 17.03 -26.18
CA LYS C 166 2.58 17.09 -27.59
C LYS C 166 3.86 17.24 -28.41
N PHE C 167 4.91 17.72 -27.75
CA PHE C 167 6.21 17.92 -28.39
C PHE C 167 7.19 16.78 -28.10
N MET C 168 6.69 15.60 -27.78
CA MET C 168 7.57 14.50 -27.42
C MET C 168 7.41 13.32 -28.34
N ASN C 169 8.46 12.52 -28.43
CA ASN C 169 8.43 11.30 -29.22
C ASN C 169 7.56 10.22 -28.59
N SER C 170 6.67 9.65 -29.39
CA SER C 170 6.02 8.42 -29.00
C SER C 170 7.08 7.52 -28.35
N GLY C 171 6.82 7.07 -27.13
CA GLY C 171 7.76 6.23 -26.39
C GLY C 171 8.59 7.04 -25.41
N GLY C 172 8.33 8.34 -25.38
CA GLY C 172 8.99 9.24 -24.45
C GLY C 172 8.67 8.96 -22.99
N SER C 173 9.35 9.68 -22.11
CA SER C 173 9.39 9.29 -20.70
C SER C 173 9.49 10.50 -19.78
N VAL C 174 8.79 10.46 -18.64
CA VAL C 174 8.84 11.55 -17.69
C VAL C 174 9.15 11.02 -16.28
N VAL C 175 10.04 11.70 -15.56
CA VAL C 175 10.21 11.37 -14.16
C VAL C 175 10.18 12.61 -13.28
N SER C 176 9.67 12.46 -12.06
CA SER C 176 9.71 13.50 -11.04
C SER C 176 10.29 12.94 -9.75
N LEU C 177 10.62 13.79 -8.79
CA LEU C 177 11.11 13.28 -7.53
C LEU C 177 10.11 13.53 -6.42
N THR C 178 9.97 12.55 -5.54
CA THR C 178 9.08 12.70 -4.40
C THR C 178 9.78 12.25 -3.11
N TYR C 179 9.05 12.34 -2.01
CA TYR C 179 9.58 11.93 -0.71
C TYR C 179 8.53 11.21 0.14
N GLN C 180 8.99 10.28 0.98
CA GLN C 180 8.10 9.38 1.71
C GLN C 180 7.19 10.01 2.76
N ALA C 181 7.40 11.27 3.10
CA ALA C 181 6.47 11.96 4.02
C ALA C 181 5.06 12.09 3.45
N SER C 182 4.84 11.60 2.24
CA SER C 182 3.51 11.52 1.68
C SER C 182 2.78 10.28 2.19
N GLN C 183 3.54 9.23 2.53
CA GLN C 183 2.96 7.95 2.91
C GLN C 183 3.11 7.65 4.40
N LYS C 184 4.11 8.26 5.01
CA LYS C 184 4.39 8.08 6.43
C LYS C 184 4.73 9.40 7.13
N VAL C 185 4.20 9.61 8.34
CA VAL C 185 4.35 10.90 9.02
C VAL C 185 5.79 11.31 9.34
N VAL C 186 6.22 12.43 8.78
CA VAL C 186 7.55 12.98 9.03
C VAL C 186 7.39 14.37 9.60
N PRO C 187 7.43 14.50 10.93
CA PRO C 187 7.29 15.86 11.46
C PRO C 187 8.50 16.67 10.98
N GLY C 188 8.27 17.90 10.61
CA GLY C 188 9.33 18.70 10.01
C GLY C 188 9.10 18.97 8.54
N TYR C 189 8.47 18.02 7.84
CA TYR C 189 8.20 18.19 6.41
C TYR C 189 6.79 18.81 6.27
N GLY C 190 6.68 20.08 6.68
CA GLY C 190 5.40 20.73 6.85
C GLY C 190 5.02 21.64 5.71
N GLY C 191 4.15 22.60 5.98
CA GLY C 191 3.69 23.53 4.97
C GLY C 191 2.81 22.95 3.87
N GLY C 192 2.36 21.71 4.04
CA GLY C 192 1.53 21.07 3.03
C GLY C 192 2.35 20.39 1.97
N MET C 193 3.64 20.29 2.23
CA MET C 193 4.59 19.65 1.33
C MET C 193 4.37 18.12 1.27
N SER C 194 4.06 17.52 2.43
CA SER C 194 3.77 16.09 2.47
C SER C 194 2.53 15.88 1.61
N SER C 195 1.67 16.87 1.71
CA SER C 195 0.40 16.94 1.03
C SER C 195 0.61 17.07 -0.51
N ALA C 196 1.48 17.98 -0.91
CA ALA C 196 1.88 18.12 -2.29
C ALA C 196 2.56 16.86 -2.82
N LYS C 197 3.38 16.21 -1.99
CA LYS C 197 4.00 14.96 -2.44
C LYS C 197 3.02 13.81 -2.58
N ALA C 198 1.99 13.76 -1.72
CA ALA C 198 0.92 12.76 -1.87
C ALA C 198 0.16 12.95 -3.19
N ALA C 199 -0.16 14.20 -3.53
CA ALA C 199 -0.84 14.48 -4.79
C ALA C 199 0.02 14.03 -5.96
N LEU C 200 1.29 14.40 -5.89
CA LEU C 200 2.23 14.14 -6.98
C LEU C 200 2.31 12.67 -7.31
N GLU C 201 2.36 11.83 -6.27
CA GLU C 201 2.39 10.39 -6.49
C GLU C 201 1.08 9.87 -7.11
N SER C 202 -0.05 10.31 -6.59
CA SER C 202 -1.34 9.97 -7.17
C SER C 202 -1.45 10.42 -8.63
N ASP C 203 -1.13 11.69 -8.87
CA ASP C 203 -1.10 12.28 -10.21
C ASP C 203 -0.21 11.49 -11.19
N THR C 204 0.91 10.99 -10.70
CA THR C 204 1.77 10.14 -11.51
C THR C 204 1.00 8.96 -12.11
N ARG C 205 0.07 8.40 -11.34
CA ARG C 205 -0.77 7.31 -11.87
C ARG C 205 -1.76 7.80 -12.93
N VAL C 206 -2.52 8.85 -12.64
CA VAL C 206 -3.55 9.31 -13.56
C VAL C 206 -2.90 9.80 -14.85
N LEU C 207 -1.86 10.60 -14.70
CA LEU C 207 -1.05 11.02 -15.84
C LEU C 207 -0.54 9.82 -16.65
N ALA C 208 -0.10 8.76 -15.97
CA ALA C 208 0.37 7.59 -16.72
C ALA C 208 -0.73 7.00 -17.59
N TYR C 209 -1.97 7.06 -17.12
CA TYR C 209 -3.07 6.53 -17.91
C TYR C 209 -3.28 7.36 -19.20
N TYR C 210 -3.41 8.67 -19.04
CA TYR C 210 -3.67 9.57 -20.18
C TYR C 210 -2.48 9.70 -21.15
N LEU C 211 -1.29 10.00 -20.62
CA LEU C 211 -0.10 10.10 -21.44
C LEU C 211 0.18 8.78 -22.15
N GLY C 212 -0.11 7.68 -21.48
CA GLY C 212 0.20 6.38 -22.07
C GLY C 212 -0.70 6.07 -23.24
N ARG C 213 -2.01 6.27 -23.02
CA ARG C 213 -3.00 5.98 -24.05
C ARG C 213 -2.94 6.97 -25.20
N LYS C 214 -2.61 8.23 -24.89
CA LYS C 214 -2.65 9.27 -25.90
C LYS C 214 -1.36 9.38 -26.71
N TYR C 215 -0.22 9.39 -26.02
CA TYR C 215 1.05 9.57 -26.71
C TYR C 215 2.05 8.41 -26.57
N ASN C 216 1.60 7.30 -26.00
CA ASN C 216 2.51 6.22 -25.62
C ASN C 216 3.68 6.74 -24.77
N ILE C 217 3.38 7.69 -23.89
CA ILE C 217 4.42 8.27 -23.06
C ILE C 217 4.30 7.75 -21.62
N ARG C 218 5.41 7.26 -21.09
CA ARG C 218 5.44 6.76 -19.72
C ARG C 218 5.73 7.90 -18.73
N ILE C 219 5.46 7.64 -17.45
CA ILE C 219 5.74 8.59 -16.39
C ILE C 219 5.82 7.92 -15.05
N ASN C 220 6.95 8.16 -14.40
CA ASN C 220 7.22 7.56 -13.12
C ASN C 220 7.77 8.60 -12.19
N THR C 221 7.70 8.31 -10.90
CA THR C 221 8.25 9.21 -9.92
C THR C 221 9.18 8.41 -9.02
N ILE C 222 10.20 9.08 -8.50
CA ILE C 222 11.18 8.42 -7.66
C ILE C 222 11.05 8.96 -6.26
N SER C 223 10.90 8.07 -5.30
CA SER C 223 10.87 8.47 -3.92
C SER C 223 12.30 8.35 -3.34
N ALA C 224 12.96 9.50 -3.23
CA ALA C 224 14.38 9.52 -2.92
C ALA C 224 14.64 9.71 -1.44
N GLY C 225 15.77 9.18 -0.97
CA GLY C 225 16.29 9.44 0.37
C GLY C 225 16.81 10.86 0.55
N PRO C 226 17.35 11.17 1.75
CA PRO C 226 17.90 12.50 2.04
C PRO C 226 19.17 12.83 1.24
N LEU C 227 19.28 14.06 0.74
CA LEU C 227 20.47 14.56 0.07
C LEU C 227 20.68 15.98 0.56
N LYS C 228 21.94 16.37 0.73
CA LYS C 228 22.27 17.65 1.37
C LYS C 228 22.16 18.84 0.39
N SER C 229 21.20 18.74 -0.53
CA SER C 229 20.97 19.78 -1.54
C SER C 229 20.81 21.18 -0.95
N ARG C 230 20.83 22.17 -1.81
CA ARG C 230 20.63 23.56 -1.39
C ARG C 230 19.30 23.70 -0.65
N ALA C 231 18.20 23.39 -1.33
CA ALA C 231 16.85 23.48 -0.75
C ALA C 231 16.68 22.67 0.53
N ALA C 232 17.25 21.48 0.58
CA ALA C 232 17.16 20.65 1.76
C ALA C 232 17.78 21.33 2.98
N THR C 233 18.79 22.16 2.73
CA THR C 233 19.57 22.77 3.80
C THR C 233 18.84 23.87 4.59
N ALA C 234 17.82 24.45 3.98
CA ALA C 234 16.93 25.37 4.70
C ALA C 234 15.69 24.65 5.26
N ILE C 235 15.76 24.18 6.51
CA ILE C 235 14.57 23.61 7.14
C ILE C 235 14.51 23.84 8.67
N SER C 258 17.73 22.11 11.12
CA SER C 258 18.77 21.25 10.54
C SER C 258 18.14 19.90 10.19
N PHE C 259 16.97 19.97 9.56
CA PHE C 259 16.22 18.79 9.20
C PHE C 259 17.03 17.74 8.44
N ILE C 260 17.70 18.17 7.37
CA ILE C 260 18.34 17.23 6.45
C ILE C 260 19.56 16.52 7.05
N ASP C 261 20.31 17.23 7.90
CA ASP C 261 21.41 16.62 8.63
C ASP C 261 20.92 15.47 9.50
N TYR C 262 19.83 15.71 10.21
CA TYR C 262 19.19 14.68 11.02
C TYR C 262 18.79 13.47 10.17
N ALA C 263 18.14 13.74 9.03
CA ALA C 263 17.61 12.67 8.18
C ALA C 263 18.71 11.81 7.54
N ILE C 264 19.81 12.45 7.14
CA ILE C 264 20.95 11.72 6.59
C ILE C 264 21.62 10.81 7.63
N ASP C 265 21.75 11.29 8.85
CA ASP C 265 22.31 10.47 9.92
C ASP C 265 21.44 9.27 10.18
N TYR C 266 20.13 9.53 10.24
CA TYR C 266 19.15 8.47 10.47
C TYR C 266 19.14 7.48 9.31
N SER C 267 19.08 7.97 8.09
CA SER C 267 19.19 7.05 6.96
C SER C 267 20.48 6.22 6.96
N GLU C 268 21.61 6.87 7.22
CA GLU C 268 22.88 6.16 7.22
C GLU C 268 23.00 5.15 8.38
N LYS C 269 22.34 5.42 9.49
CA LYS C 269 22.34 4.47 10.59
C LYS C 269 21.36 3.29 10.43
N TYR C 270 20.20 3.52 9.82
CA TYR C 270 19.14 2.52 9.87
C TYR C 270 18.66 1.92 8.54
N ALA C 271 19.04 2.50 7.41
CA ALA C 271 18.69 1.90 6.12
C ALA C 271 19.31 0.51 6.04
N PRO C 272 18.72 -0.39 5.24
CA PRO C 272 19.34 -1.71 5.07
C PRO C 272 20.72 -1.62 4.41
N LEU C 273 20.93 -0.62 3.57
CA LEU C 273 22.23 -0.42 2.96
C LEU C 273 22.95 0.75 3.65
N LYS C 274 24.23 0.59 3.92
CA LYS C 274 25.02 1.59 4.66
C LYS C 274 25.68 2.67 3.78
N LYS C 275 25.76 2.44 2.48
CA LYS C 275 26.21 3.48 1.55
C LYS C 275 25.64 4.85 1.95
N LYS C 276 26.43 5.89 1.74
CA LYS C 276 25.92 7.25 1.82
C LYS C 276 25.21 7.46 0.49
N LEU C 277 24.00 8.03 0.51
CA LEU C 277 23.24 8.15 -0.74
C LEU C 277 23.75 9.25 -1.67
N LEU C 278 23.93 8.89 -2.94
CA LEU C 278 24.48 9.82 -3.89
C LEU C 278 23.43 10.43 -4.82
N SER C 279 23.62 11.70 -5.11
CA SER C 279 22.83 12.40 -6.10
C SER C 279 22.69 11.57 -7.37
N THR C 280 23.73 10.81 -7.70
CA THR C 280 23.79 10.07 -8.95
C THR C 280 23.15 8.67 -8.83
N ASP C 281 22.90 8.23 -7.60
CA ASP C 281 22.11 7.01 -7.40
C ASP C 281 20.66 7.23 -7.84
N VAL C 282 20.10 8.36 -7.48
CA VAL C 282 18.79 8.72 -7.98
C VAL C 282 18.90 8.93 -9.49
N GLY C 283 19.88 9.75 -9.88
CA GLY C 283 20.20 9.97 -11.27
C GLY C 283 20.25 8.70 -12.13
N SER C 284 20.83 7.63 -11.60
CA SER C 284 21.00 6.42 -12.41
C SER C 284 19.71 5.62 -12.57
N VAL C 285 18.87 5.63 -11.54
CA VAL C 285 17.54 5.05 -11.68
C VAL C 285 16.71 5.92 -12.63
N ALA C 286 16.87 7.24 -12.50
CA ALA C 286 16.20 8.16 -13.41
C ALA C 286 16.55 7.77 -14.83
N SER C 287 17.84 7.77 -15.15
CA SER C 287 18.30 7.46 -16.52
C SER C 287 17.62 6.20 -17.04
N PHE C 288 17.62 5.16 -16.21
CA PHE C 288 16.93 3.94 -16.54
C PHE C 288 15.44 4.19 -16.89
N LEU C 289 14.73 4.91 -16.03
CA LEU C 289 13.30 5.12 -16.25
C LEU C 289 13.02 5.87 -17.56
N LEU C 290 13.95 6.75 -17.94
CA LEU C 290 13.82 7.53 -19.17
C LEU C 290 14.32 6.75 -20.40
N SER C 291 14.68 5.49 -20.19
CA SER C 291 15.20 4.67 -21.28
C SER C 291 14.25 3.55 -21.64
N LYS C 292 14.31 3.12 -22.90
CA LYS C 292 13.45 2.07 -23.39
C LYS C 292 13.66 0.74 -22.65
N GLU C 293 14.64 0.70 -21.75
CA GLU C 293 14.86 -0.49 -20.93
C GLU C 293 13.80 -0.65 -19.84
N SER C 294 13.00 0.40 -19.64
CA SER C 294 11.91 0.37 -18.68
C SER C 294 10.58 0.70 -19.35
N SER C 295 10.37 0.19 -20.57
CA SER C 295 9.23 0.61 -21.39
C SER C 295 7.90 -0.06 -20.98
N ALA C 296 7.94 -0.86 -19.93
CA ALA C 296 6.76 -1.52 -19.43
C ALA C 296 6.44 -1.03 -18.02
N VAL C 297 7.26 -0.11 -17.53
CA VAL C 297 7.07 0.50 -16.23
C VAL C 297 6.46 1.89 -16.35
N THR C 298 5.30 2.10 -15.73
CA THR C 298 4.66 3.42 -15.76
C THR C 298 3.70 3.63 -14.57
N GLY C 299 3.54 4.89 -14.15
CA GLY C 299 2.62 5.24 -13.08
C GLY C 299 3.20 4.98 -11.69
N GLN C 300 4.48 4.61 -11.63
CA GLN C 300 5.03 4.05 -10.41
C GLN C 300 5.75 5.06 -9.52
N THR C 301 5.85 4.71 -8.24
CA THR C 301 6.69 5.40 -7.29
C THR C 301 7.80 4.43 -6.95
N ILE C 302 9.03 4.81 -7.26
CA ILE C 302 10.17 3.93 -7.08
C ILE C 302 11.08 4.41 -5.95
N TYR C 303 11.31 3.54 -4.98
CA TYR C 303 12.14 3.91 -3.83
C TYR C 303 13.63 3.76 -4.06
N VAL C 304 14.32 4.90 -4.05
CA VAL C 304 15.77 4.96 -4.18
C VAL C 304 16.27 5.66 -2.93
N ASP C 305 16.39 4.89 -1.86
CA ASP C 305 16.57 5.41 -0.50
C ASP C 305 17.32 4.40 0.38
N ASN C 306 18.21 3.64 -0.25
CA ASN C 306 18.96 2.58 0.42
C ASN C 306 18.09 1.54 1.15
N GLY C 307 16.79 1.52 0.82
CA GLY C 307 15.86 0.54 1.34
C GLY C 307 15.18 0.98 2.63
N LEU C 308 15.43 2.21 3.03
CA LEU C 308 14.95 2.73 4.30
C LEU C 308 13.43 2.61 4.47
N ASN C 309 12.67 2.86 3.39
CA ASN C 309 11.21 2.76 3.44
C ASN C 309 10.69 1.46 4.07
N ILE C 310 11.46 0.39 3.93
CA ILE C 310 11.01 -0.96 4.30
C ILE C 310 11.11 -1.27 5.80
N MET C 311 11.78 -0.43 6.57
CA MET C 311 11.96 -0.67 8.01
C MET C 311 10.79 -0.18 8.89
N PHE C 312 10.45 -0.97 9.89
CA PHE C 312 9.44 -0.58 10.89
C PHE C 312 9.95 0.60 11.72
N GLY C 313 11.24 0.58 12.06
CA GLY C 313 11.85 1.67 12.82
C GLY C 313 13.33 1.45 13.03
N PRO C 314 13.94 2.21 13.95
CA PRO C 314 15.37 2.03 14.23
C PRO C 314 15.62 0.59 14.64
N ASP C 315 16.69 -0.02 14.10
CA ASP C 315 16.92 -1.43 14.32
C ASP C 315 17.78 -1.74 15.55
N ASP C 316 17.97 -0.74 16.40
CA ASP C 316 18.58 -1.04 17.69
C ASP C 316 17.52 -1.29 18.77
N ASN D 7 -30.31 -16.22 20.55
CA ASN D 7 -29.11 -15.52 20.97
C ASN D 7 -27.90 -15.84 20.07
N GLU D 8 -27.07 -14.84 19.80
CA GLU D 8 -25.96 -15.00 18.87
C GLU D 8 -24.70 -15.60 19.48
N ILE D 9 -23.97 -16.35 18.66
CA ILE D 9 -22.78 -17.08 19.10
C ILE D 9 -21.53 -16.79 18.26
N CYS D 10 -20.38 -16.73 18.92
CA CYS D 10 -19.11 -16.63 18.22
C CYS D 10 -18.12 -17.66 18.71
N PHE D 11 -17.55 -18.41 17.77
CA PHE D 11 -16.46 -19.32 18.09
C PHE D 11 -15.12 -18.58 18.07
N ILE D 12 -14.42 -18.62 19.20
CA ILE D 12 -13.10 -18.00 19.28
C ILE D 12 -11.98 -19.05 19.34
N ALA D 13 -11.45 -19.39 18.17
CA ALA D 13 -10.32 -20.29 18.09
C ALA D 13 -9.07 -19.59 18.60
N GLY D 14 -8.34 -20.21 19.52
CA GLY D 14 -7.05 -19.72 19.94
C GLY D 14 -6.97 -18.90 21.21
N VAL D 15 -7.73 -19.28 22.22
CA VAL D 15 -7.59 -18.66 23.53
C VAL D 15 -7.02 -19.66 24.55
N GLY D 16 -5.93 -19.28 25.21
CA GLY D 16 -5.29 -20.17 26.16
C GLY D 16 -5.34 -19.69 27.60
N ASP D 17 -5.87 -18.48 27.79
CA ASP D 17 -5.93 -17.86 29.11
C ASP D 17 -6.55 -16.48 28.98
N SER D 18 -6.60 -15.72 30.06
CA SER D 18 -7.24 -14.41 30.04
C SER D 18 -6.27 -13.31 29.64
N ASN D 19 -5.05 -13.68 29.24
CA ASN D 19 -4.00 -12.70 28.94
C ASN D 19 -3.84 -12.33 27.45
N GLY D 20 -4.61 -12.98 26.58
CA GLY D 20 -4.44 -12.80 25.15
C GLY D 20 -5.44 -11.83 24.54
N TYR D 21 -5.48 -11.79 23.22
CA TYR D 21 -6.44 -10.95 22.48
C TYR D 21 -7.79 -11.63 22.36
N GLY D 22 -7.79 -12.96 22.26
CA GLY D 22 -9.02 -13.73 22.17
C GLY D 22 -9.93 -13.50 23.36
N TRP D 23 -9.34 -13.34 24.54
CA TRP D 23 -10.09 -13.10 25.77
C TRP D 23 -10.68 -11.70 25.74
N GLY D 24 -9.83 -10.74 25.38
CA GLY D 24 -10.26 -9.36 25.22
C GLY D 24 -11.40 -9.25 24.22
N ILE D 25 -11.32 -10.02 23.14
CA ILE D 25 -12.43 -10.05 22.18
C ILE D 25 -13.70 -10.64 22.80
N ALA D 26 -13.54 -11.74 23.55
CA ALA D 26 -14.66 -12.40 24.21
C ALA D 26 -15.41 -11.43 25.12
N LYS D 27 -14.67 -10.60 25.84
CA LYS D 27 -15.24 -9.65 26.78
C LYS D 27 -16.13 -8.65 26.08
N GLU D 28 -15.63 -8.09 24.97
CA GLU D 28 -16.35 -7.02 24.29
C GLU D 28 -17.57 -7.55 23.53
N LEU D 29 -17.51 -8.81 23.12
CA LEU D 29 -18.69 -9.47 22.58
C LEU D 29 -19.74 -9.69 23.66
N SER D 30 -19.29 -9.84 24.91
CA SER D 30 -20.21 -9.98 26.05
C SER D 30 -21.00 -8.69 26.26
N LYS D 31 -20.33 -7.55 26.10
CA LYS D 31 -20.98 -6.25 26.20
C LYS D 31 -22.24 -6.17 25.35
N ARG D 32 -22.26 -6.89 24.22
CA ARG D 32 -23.44 -6.90 23.36
C ARG D 32 -24.15 -8.27 23.26
N ASN D 33 -24.04 -9.06 24.33
CA ASN D 33 -24.89 -10.22 24.58
C ASN D 33 -24.74 -11.38 23.61
N VAL D 34 -23.58 -11.52 22.99
CA VAL D 34 -23.29 -12.71 22.21
C VAL D 34 -22.55 -13.72 23.09
N LYS D 35 -22.90 -14.98 22.96
CA LYS D 35 -22.30 -16.02 23.79
C LYS D 35 -21.04 -16.54 23.11
N VAL D 36 -20.05 -16.92 23.91
CA VAL D 36 -18.76 -17.32 23.37
C VAL D 36 -18.42 -18.82 23.50
N ILE D 37 -17.92 -19.40 22.41
CA ILE D 37 -17.35 -20.74 22.47
C ILE D 37 -15.87 -20.67 22.15
N PHE D 38 -15.03 -21.01 23.11
CA PHE D 38 -13.58 -21.03 22.89
C PHE D 38 -13.11 -22.36 22.33
N GLY D 39 -12.10 -22.30 21.47
CA GLY D 39 -11.40 -23.49 21.00
C GLY D 39 -10.02 -23.43 21.61
N VAL D 40 -9.71 -24.41 22.46
CA VAL D 40 -8.45 -24.40 23.20
C VAL D 40 -7.43 -25.47 22.70
N TRP D 41 -6.19 -25.03 22.52
CA TRP D 41 -5.11 -25.94 22.14
C TRP D 41 -4.93 -27.01 23.22
N PRO D 42 -5.00 -28.29 22.83
CA PRO D 42 -5.08 -29.45 23.74
C PRO D 42 -4.08 -29.50 24.91
N PRO D 43 -2.79 -29.22 24.65
CA PRO D 43 -1.80 -29.28 25.74
C PRO D 43 -2.08 -28.31 26.90
N VAL D 44 -2.96 -27.34 26.70
CA VAL D 44 -3.32 -26.44 27.78
C VAL D 44 -4.82 -26.48 28.06
N TYR D 45 -5.52 -27.40 27.41
CA TYR D 45 -6.97 -27.46 27.57
C TYR D 45 -7.46 -27.76 28.99
N ASN D 46 -6.88 -28.77 29.62
CA ASN D 46 -7.26 -29.09 31.00
C ASN D 46 -6.85 -27.97 31.96
N ILE D 47 -5.61 -27.52 31.83
CA ILE D 47 -5.12 -26.39 32.62
C ILE D 47 -6.12 -25.25 32.62
N PHE D 48 -6.71 -24.99 31.46
CA PHE D 48 -7.66 -23.91 31.26
C PHE D 48 -9.02 -24.21 31.90
N ILE D 49 -9.63 -25.33 31.51
CA ILE D 49 -10.93 -25.71 32.03
C ILE D 49 -10.90 -25.83 33.55
N LYS D 50 -9.69 -25.91 34.11
CA LYS D 50 -9.50 -25.96 35.55
C LYS D 50 -9.58 -24.57 36.17
N ASN D 51 -8.76 -23.65 35.68
CA ASN D 51 -8.77 -22.27 36.14
C ASN D 51 -10.16 -21.64 35.95
N LEU D 52 -10.92 -22.20 35.01
CA LEU D 52 -12.27 -21.73 34.73
C LEU D 52 -13.30 -22.30 35.71
N GLU D 53 -13.07 -23.52 36.17
CA GLU D 53 -13.95 -24.15 37.16
C GLU D 53 -13.76 -23.56 38.55
N SER D 54 -12.50 -23.24 38.87
CA SER D 54 -12.14 -22.74 40.19
C SER D 54 -12.53 -21.28 40.39
N GLY D 55 -12.60 -20.52 39.30
CA GLY D 55 -13.04 -19.14 39.37
C GLY D 55 -11.92 -18.13 39.22
N LYS D 56 -10.75 -18.59 38.82
CA LYS D 56 -9.60 -17.71 38.64
C LYS D 56 -9.84 -16.64 37.57
N PHE D 57 -10.85 -16.86 36.73
CA PHE D 57 -11.18 -15.91 35.67
C PHE D 57 -12.42 -15.08 35.97
N ASP D 58 -13.12 -15.40 37.05
CA ASP D 58 -14.29 -14.62 37.44
C ASP D 58 -13.86 -13.18 37.60
N LYS D 59 -12.62 -13.02 38.04
CA LYS D 59 -12.00 -11.72 38.15
C LYS D 59 -11.95 -11.05 36.78
N ASP D 60 -11.82 -11.87 35.74
CA ASP D 60 -11.73 -11.38 34.37
C ASP D 60 -13.02 -11.48 33.56
N MET D 61 -14.11 -11.94 34.19
CA MET D 61 -15.39 -12.01 33.49
C MET D 61 -16.31 -10.85 33.88
N ILE D 62 -15.72 -9.83 34.49
CA ILE D 62 -16.41 -8.58 34.80
C ILE D 62 -16.53 -7.73 33.55
N ILE D 63 -17.73 -7.27 33.24
CA ILE D 63 -17.96 -6.49 32.02
C ILE D 63 -18.21 -5.00 32.27
N ASN D 64 -17.33 -4.36 33.03
CA ASN D 64 -17.39 -2.91 33.23
C ASN D 64 -18.52 -2.44 34.15
N ASN D 65 -19.62 -3.20 34.18
CA ASN D 65 -20.73 -2.89 35.10
C ASN D 65 -20.65 -3.78 36.33
N ASP D 66 -19.56 -4.53 36.41
CA ASP D 66 -19.20 -5.37 37.56
C ASP D 66 -20.23 -6.43 38.00
N ASN D 67 -20.22 -7.54 37.27
CA ASN D 67 -21.01 -8.74 37.55
C ASN D 67 -22.52 -8.54 37.76
N SER D 68 -23.05 -7.43 37.26
CA SER D 68 -24.47 -7.34 36.98
C SER D 68 -24.63 -7.95 35.60
N LYS D 69 -23.51 -8.04 34.88
CA LYS D 69 -23.44 -8.66 33.56
C LYS D 69 -22.21 -9.57 33.46
N ARG D 70 -22.43 -10.84 33.12
CA ARG D 70 -21.35 -11.83 33.07
C ARG D 70 -20.93 -12.21 31.66
N MET D 71 -19.72 -12.73 31.53
CA MET D 71 -19.22 -13.22 30.27
C MET D 71 -19.72 -14.64 30.01
N GLN D 72 -20.74 -14.76 29.16
CA GLN D 72 -21.39 -16.05 28.89
C GLN D 72 -20.55 -17.04 28.07
N ILE D 73 -19.78 -17.88 28.75
CA ILE D 73 -18.99 -18.90 28.06
C ILE D 73 -19.81 -20.16 27.79
N LEU D 74 -20.43 -20.21 26.62
CA LEU D 74 -21.36 -21.29 26.25
C LEU D 74 -20.70 -22.66 26.20
N ASP D 75 -19.44 -22.71 25.85
CA ASP D 75 -18.74 -23.98 25.80
C ASP D 75 -17.26 -23.76 25.59
N VAL D 76 -16.47 -24.78 25.88
CA VAL D 76 -15.03 -24.74 25.68
C VAL D 76 -14.65 -26.08 25.09
N LEU D 77 -13.90 -26.07 23.99
CA LEU D 77 -13.57 -27.31 23.31
C LEU D 77 -12.08 -27.38 22.98
N PRO D 78 -11.52 -28.61 22.96
CA PRO D 78 -10.15 -28.81 22.48
C PRO D 78 -10.09 -28.62 20.97
N LEU D 79 -9.10 -27.91 20.49
CA LEU D 79 -8.97 -27.64 19.07
C LEU D 79 -7.50 -27.51 18.70
N ASP D 80 -7.06 -28.31 17.74
CA ASP D 80 -5.72 -28.14 17.18
C ASP D 80 -5.84 -27.84 15.70
N ALA D 81 -5.90 -26.55 15.40
CA ALA D 81 -6.03 -26.04 14.03
C ALA D 81 -4.86 -26.49 13.16
N GLY D 82 -3.90 -27.21 13.75
CA GLY D 82 -2.86 -27.85 12.98
C GLY D 82 -3.36 -29.05 12.18
N PHE D 83 -4.58 -29.49 12.46
CA PHE D 83 -5.20 -30.64 11.78
C PHE D 83 -6.62 -30.32 11.29
N ASP D 84 -6.89 -30.66 10.04
CA ASP D 84 -8.12 -30.24 9.41
C ASP D 84 -9.23 -31.26 9.60
N ASN D 85 -8.85 -32.51 9.80
CA ASN D 85 -9.80 -33.57 10.08
C ASN D 85 -9.09 -34.75 10.71
N TYR D 86 -9.85 -35.74 11.17
CA TYR D 86 -9.25 -36.88 11.89
C TYR D 86 -8.14 -37.57 11.09
N ASP D 87 -8.45 -37.93 9.84
CA ASP D 87 -7.49 -38.63 8.99
C ASP D 87 -6.11 -38.01 9.09
N ASP D 88 -6.07 -36.68 9.17
CA ASP D 88 -4.81 -35.96 9.23
C ASP D 88 -3.99 -36.26 10.49
N ILE D 89 -4.67 -36.69 11.55
CA ILE D 89 -3.99 -36.92 12.82
C ILE D 89 -3.04 -38.13 12.79
N ASP D 90 -1.79 -37.88 13.14
CA ASP D 90 -0.74 -38.90 13.13
C ASP D 90 -0.78 -39.74 14.40
N GLU D 91 -0.36 -41.00 14.28
CA GLU D 91 -0.38 -41.95 15.40
C GLU D 91 0.24 -41.40 16.68
N ASP D 92 1.30 -40.62 16.55
CA ASP D 92 2.06 -40.17 17.70
C ASP D 92 1.34 -39.12 18.55
N THR D 93 0.66 -38.19 17.89
CA THR D 93 -0.09 -37.16 18.62
C THR D 93 -1.33 -37.78 19.27
N LYS D 94 -1.74 -38.94 18.77
CA LYS D 94 -2.81 -39.71 19.39
C LYS D 94 -2.27 -40.39 20.63
N ASN D 95 -0.97 -40.66 20.62
CA ASN D 95 -0.28 -41.31 21.73
C ASN D 95 0.13 -40.35 22.83
N ASN D 96 0.25 -39.06 22.50
CA ASN D 96 0.71 -38.07 23.46
C ASN D 96 -0.17 -37.98 24.70
N LYS D 97 0.49 -37.91 25.86
CA LYS D 97 -0.16 -37.85 27.16
C LYS D 97 -1.18 -36.70 27.29
N ARG D 98 -1.00 -35.66 26.48
CA ARG D 98 -1.89 -34.51 26.50
C ARG D 98 -3.10 -34.68 25.58
N TYR D 99 -2.97 -35.58 24.61
CA TYR D 99 -4.03 -35.80 23.63
C TYR D 99 -4.80 -37.11 23.87
N ASN D 100 -4.29 -37.96 24.75
CA ASN D 100 -4.97 -39.20 25.12
C ASN D 100 -6.36 -38.88 25.67
N ASN D 101 -6.36 -38.18 26.79
CA ASN D 101 -7.58 -37.71 27.42
C ASN D 101 -8.61 -37.13 26.43
N LEU D 102 -8.13 -36.33 25.50
CA LEU D 102 -9.01 -35.50 24.66
C LEU D 102 -9.24 -36.06 23.26
N LYS D 103 -10.41 -35.76 22.70
CA LYS D 103 -10.76 -36.20 21.35
C LYS D 103 -11.55 -35.13 20.59
N ASN D 104 -11.92 -35.45 19.34
CA ASN D 104 -12.77 -34.56 18.53
C ASN D 104 -12.25 -33.12 18.42
N TYR D 105 -10.97 -32.98 18.12
CA TYR D 105 -10.31 -31.69 18.21
C TYR D 105 -9.72 -31.15 16.91
N SER D 106 -9.87 -31.90 15.83
CA SER D 106 -9.51 -31.40 14.51
C SER D 106 -10.47 -30.29 14.13
N ILE D 107 -10.06 -29.43 13.21
CA ILE D 107 -10.90 -28.30 12.81
C ILE D 107 -12.30 -28.76 12.38
N GLU D 108 -12.35 -29.89 11.68
CA GLU D 108 -13.64 -30.38 11.21
C GLU D 108 -14.42 -30.99 12.36
N GLU D 109 -13.71 -31.67 13.25
CA GLU D 109 -14.32 -32.28 14.42
C GLU D 109 -15.04 -31.22 15.27
N VAL D 110 -14.34 -30.14 15.62
CA VAL D 110 -14.96 -29.09 16.42
C VAL D 110 -16.00 -28.33 15.59
N ALA D 111 -15.74 -28.19 14.29
CA ALA D 111 -16.73 -27.59 13.42
C ALA D 111 -18.04 -28.35 13.56
N ASN D 112 -18.03 -29.60 13.12
CA ASN D 112 -19.22 -30.46 13.17
C ASN D 112 -19.92 -30.52 14.53
N LEU D 113 -19.11 -30.68 15.58
CA LEU D 113 -19.56 -30.72 16.95
C LEU D 113 -20.45 -29.51 17.31
N ILE D 114 -19.88 -28.32 17.19
CA ILE D 114 -20.59 -27.07 17.43
C ILE D 114 -21.87 -26.93 16.61
N TYR D 115 -21.80 -27.32 15.34
CA TYR D 115 -22.93 -27.16 14.44
C TYR D 115 -24.03 -28.18 14.71
N ASN D 116 -23.62 -29.35 15.20
CA ASN D 116 -24.56 -30.42 15.49
C ASN D 116 -25.37 -30.11 16.74
N LYS D 117 -24.71 -29.42 17.67
CA LYS D 117 -25.34 -29.00 18.93
C LYS D 117 -26.01 -27.62 18.82
N TYR D 118 -25.21 -26.59 18.58
CA TYR D 118 -25.68 -25.22 18.65
C TYR D 118 -26.35 -24.70 17.37
N GLY D 119 -26.15 -25.41 16.26
CA GLY D 119 -26.70 -24.95 14.99
C GLY D 119 -25.75 -24.01 14.24
N LYS D 120 -26.31 -23.24 13.32
CA LYS D 120 -25.55 -22.23 12.60
C LYS D 120 -25.16 -21.08 13.55
N ILE D 121 -23.92 -20.62 13.43
CA ILE D 121 -23.46 -19.49 14.24
C ILE D 121 -23.22 -18.26 13.36
N SER D 122 -23.09 -17.09 14.00
CA SER D 122 -22.91 -15.83 13.28
C SER D 122 -21.47 -15.36 13.16
N MET D 123 -20.66 -15.67 14.17
CA MET D 123 -19.34 -15.08 14.28
C MET D 123 -18.24 -16.12 14.40
N LEU D 124 -17.04 -15.71 14.00
CA LEU D 124 -15.90 -16.60 13.99
C LEU D 124 -14.62 -15.80 14.17
N VAL D 125 -13.86 -16.13 15.21
CA VAL D 125 -12.61 -15.45 15.49
C VAL D 125 -11.41 -16.39 15.41
N HIS D 126 -10.31 -15.87 14.87
CA HIS D 126 -9.09 -16.62 14.71
C HIS D 126 -8.00 -15.82 15.40
N SER D 127 -7.68 -16.20 16.64
CA SER D 127 -6.67 -15.47 17.42
C SER D 127 -5.57 -16.41 17.86
N LEU D 128 -5.09 -17.21 16.93
CA LEU D 128 -4.04 -18.16 17.24
C LEU D 128 -2.83 -18.02 16.32
N ALA D 129 -1.69 -18.56 16.76
CA ALA D 129 -0.52 -18.57 15.90
C ALA D 129 0.59 -19.36 16.57
N ASN D 130 1.49 -19.89 15.75
CA ASN D 130 2.65 -20.57 16.30
C ASN D 130 3.80 -20.71 15.30
N GLY D 131 4.99 -20.38 15.78
CA GLY D 131 6.21 -20.52 14.99
C GLY D 131 7.20 -21.31 15.80
N ARG D 132 7.76 -22.35 15.19
CA ARG D 132 8.73 -23.20 15.83
C ARG D 132 10.05 -22.46 15.97
N GLU D 133 10.42 -21.74 14.91
CA GLU D 133 11.71 -21.08 14.88
C GLU D 133 11.56 -19.56 14.91
N VAL D 134 10.48 -19.09 15.52
CA VAL D 134 10.25 -17.65 15.63
C VAL D 134 11.49 -16.90 16.15
N GLN D 135 12.31 -17.58 16.93
CA GLN D 135 13.53 -16.95 17.42
C GLN D 135 14.72 -17.19 16.48
N LYS D 136 14.42 -17.39 15.19
CA LYS D 136 15.45 -17.36 14.15
C LYS D 136 15.13 -16.26 13.15
N SER D 137 16.17 -15.69 12.55
CA SER D 137 15.98 -14.72 11.48
C SER D 137 15.43 -15.46 10.28
N LEU D 138 14.61 -14.78 9.47
CA LEU D 138 14.06 -15.41 8.27
C LEU D 138 15.17 -16.03 7.41
N LEU D 139 16.35 -15.43 7.46
CA LEU D 139 17.49 -15.90 6.67
C LEU D 139 18.03 -17.24 7.17
N ASP D 140 18.00 -17.43 8.49
CA ASP D 140 18.48 -18.64 9.12
C ASP D 140 17.37 -19.66 9.35
N THR D 141 16.19 -19.40 8.78
CA THR D 141 15.03 -20.26 9.01
C THR D 141 14.99 -21.44 8.04
N SER D 142 14.50 -22.58 8.52
CA SER D 142 14.48 -23.82 7.76
C SER D 142 13.14 -24.04 7.09
N ARG D 143 13.13 -24.85 6.04
CA ARG D 143 11.91 -25.17 5.31
C ARG D 143 10.81 -25.68 6.23
N ASP D 144 11.19 -26.52 7.18
CA ASP D 144 10.23 -27.12 8.11
C ASP D 144 9.63 -26.12 9.09
N GLY D 145 10.48 -25.29 9.71
CA GLY D 145 10.02 -24.26 10.64
C GLY D 145 9.14 -23.23 9.96
N TYR D 146 9.64 -22.70 8.86
CA TYR D 146 8.91 -21.76 8.02
C TYR D 146 7.52 -22.27 7.67
N LEU D 147 7.43 -23.50 7.16
CA LEU D 147 6.14 -24.04 6.72
C LEU D 147 5.27 -24.38 7.91
N ASP D 148 5.89 -24.48 9.08
CA ASP D 148 5.16 -24.78 10.29
C ASP D 148 4.47 -23.51 10.75
N ALA D 149 5.24 -22.43 10.82
CA ALA D 149 4.68 -21.11 11.10
C ALA D 149 3.47 -20.91 10.21
N ILE D 150 3.69 -21.05 8.91
CA ILE D 150 2.69 -20.77 7.90
C ILE D 150 1.52 -21.74 7.98
N SER D 151 1.80 -22.99 8.36
CA SER D 151 0.75 -23.99 8.52
C SER D 151 -0.15 -23.65 9.68
N LYS D 152 0.46 -23.33 10.81
CA LYS D 152 -0.27 -23.04 12.03
C LYS D 152 -0.93 -21.66 12.04
N SER D 153 -0.26 -20.67 11.46
CA SER D 153 -0.68 -19.28 11.55
C SER D 153 -1.43 -18.75 10.34
N SER D 154 -1.28 -19.40 9.19
CA SER D 154 -1.92 -18.91 7.98
C SER D 154 -2.96 -19.88 7.50
N TYR D 155 -2.52 -21.09 7.16
CA TYR D 155 -3.43 -22.06 6.61
C TYR D 155 -4.58 -22.35 7.56
N SER D 156 -4.31 -22.25 8.86
CA SER D 156 -5.34 -22.46 9.89
C SER D 156 -6.59 -21.59 9.70
N LEU D 157 -6.42 -20.33 9.28
CA LEU D 157 -7.58 -19.48 8.97
C LEU D 157 -8.39 -20.03 7.82
N ILE D 158 -7.72 -20.38 6.73
CA ILE D 158 -8.36 -21.02 5.59
C ILE D 158 -9.11 -22.29 6.00
N SER D 159 -8.48 -23.12 6.82
CA SER D 159 -9.13 -24.36 7.24
C SER D 159 -10.42 -24.04 7.98
N LEU D 160 -10.32 -23.14 8.95
CA LEU D 160 -11.49 -22.68 9.71
C LEU D 160 -12.64 -22.24 8.79
N CYS D 161 -12.34 -21.38 7.81
CA CYS D 161 -13.39 -20.89 6.92
C CYS D 161 -14.00 -22.03 6.12
N LYS D 162 -13.15 -22.82 5.49
CA LYS D 162 -13.61 -23.97 4.73
C LYS D 162 -14.63 -24.81 5.51
N HIS D 163 -14.24 -25.22 6.71
CA HIS D 163 -15.07 -26.11 7.51
C HIS D 163 -16.25 -25.41 8.21
N PHE D 164 -16.05 -24.16 8.61
CA PHE D 164 -17.08 -23.44 9.38
C PHE D 164 -18.08 -22.67 8.54
N CYS D 165 -17.64 -22.03 7.47
CA CYS D 165 -18.47 -21.01 6.84
C CYS D 165 -19.75 -21.53 6.19
N LYS D 166 -19.79 -22.81 5.89
CA LYS D 166 -21.02 -23.40 5.38
C LYS D 166 -21.98 -23.67 6.54
N PHE D 167 -21.44 -23.68 7.76
CA PHE D 167 -22.23 -23.80 8.99
C PHE D 167 -22.62 -22.45 9.59
N MET D 168 -22.36 -21.37 8.86
CA MET D 168 -22.56 -20.06 9.44
C MET D 168 -23.74 -19.35 8.83
N ASN D 169 -24.24 -18.36 9.54
CA ASN D 169 -25.32 -17.54 9.04
C ASN D 169 -24.89 -16.66 7.87
N SER D 170 -25.76 -16.53 6.88
CA SER D 170 -25.63 -15.48 5.89
C SER D 170 -25.51 -14.12 6.59
N GLY D 171 -24.57 -13.28 6.15
CA GLY D 171 -24.30 -12.02 6.80
C GLY D 171 -23.33 -12.18 7.96
N GLY D 172 -22.83 -13.39 8.13
CA GLY D 172 -21.89 -13.68 9.20
C GLY D 172 -20.52 -13.06 8.95
N SER D 173 -19.64 -13.16 9.93
CA SER D 173 -18.41 -12.40 9.88
C SER D 173 -17.26 -13.14 10.54
N VAL D 174 -16.08 -13.06 9.93
CA VAL D 174 -14.90 -13.72 10.47
C VAL D 174 -13.82 -12.67 10.68
N VAL D 175 -13.06 -12.82 11.76
CA VAL D 175 -12.01 -11.87 12.12
C VAL D 175 -10.77 -12.64 12.54
N SER D 176 -9.59 -12.14 12.16
CA SER D 176 -8.33 -12.70 12.63
C SER D 176 -7.39 -11.58 13.05
N LEU D 177 -6.29 -11.92 13.71
CA LEU D 177 -5.31 -10.92 14.12
C LEU D 177 -4.07 -11.07 13.25
N THR D 178 -3.43 -9.94 12.97
CA THR D 178 -2.15 -9.93 12.26
C THR D 178 -1.17 -8.91 12.88
N TYR D 179 -0.01 -8.75 12.27
CA TYR D 179 1.01 -7.85 12.81
C TYR D 179 1.75 -7.19 11.66
N GLN D 180 2.17 -5.95 11.86
CA GLN D 180 2.70 -5.11 10.77
C GLN D 180 4.07 -5.56 10.21
N ALA D 181 4.72 -6.49 10.91
CA ALA D 181 5.95 -7.11 10.43
C ALA D 181 5.77 -7.74 9.03
N SER D 182 4.52 -7.96 8.65
CA SER D 182 4.21 -8.44 7.31
C SER D 182 4.49 -7.39 6.24
N GLN D 183 4.45 -6.12 6.64
CA GLN D 183 4.53 -5.01 5.69
C GLN D 183 5.78 -4.18 5.87
N LYS D 184 6.32 -4.21 7.08
CA LYS D 184 7.51 -3.44 7.42
C LYS D 184 8.41 -4.29 8.31
N VAL D 185 9.71 -4.26 8.04
CA VAL D 185 10.63 -5.21 8.66
C VAL D 185 10.78 -5.00 10.16
N VAL D 186 10.34 -5.98 10.95
CA VAL D 186 10.61 -6.00 12.38
C VAL D 186 11.60 -7.12 12.73
N PRO D 187 12.90 -6.79 12.81
CA PRO D 187 13.85 -7.84 13.21
C PRO D 187 13.41 -8.40 14.56
N GLY D 188 13.39 -9.72 14.72
CA GLY D 188 12.89 -10.30 15.95
C GLY D 188 11.59 -11.04 15.72
N TYR D 189 10.78 -10.56 14.78
CA TYR D 189 9.62 -11.31 14.35
C TYR D 189 10.08 -12.26 13.24
N GLY D 190 10.53 -13.44 13.65
CA GLY D 190 11.19 -14.37 12.75
C GLY D 190 10.51 -15.72 12.58
N GLY D 191 11.24 -16.68 12.03
CA GLY D 191 10.71 -18.01 11.79
C GLY D 191 9.73 -18.07 10.63
N GLY D 192 9.69 -16.99 9.84
CA GLY D 192 8.69 -16.85 8.79
C GLY D 192 7.32 -16.48 9.35
N MET D 193 7.30 -15.94 10.56
CA MET D 193 6.06 -15.41 11.14
C MET D 193 5.59 -14.16 10.37
N SER D 194 6.55 -13.36 9.91
CA SER D 194 6.21 -12.18 9.13
C SER D 194 5.60 -12.62 7.78
N SER D 195 6.22 -13.63 7.17
CA SER D 195 5.72 -14.28 5.95
C SER D 195 4.33 -14.88 6.15
N ALA D 196 4.10 -15.50 7.30
CA ALA D 196 2.77 -16.04 7.61
C ALA D 196 1.73 -14.92 7.71
N LYS D 197 2.03 -13.88 8.47
CA LYS D 197 1.09 -12.76 8.57
C LYS D 197 0.84 -12.15 7.19
N ALA D 198 1.91 -12.00 6.41
CA ALA D 198 1.80 -11.45 5.07
C ALA D 198 0.81 -12.26 4.23
N ALA D 199 0.89 -13.59 4.34
CA ALA D 199 -0.03 -14.49 3.64
C ALA D 199 -1.46 -14.41 4.21
N LEU D 200 -1.57 -14.21 5.51
CA LEU D 200 -2.87 -14.11 6.16
C LEU D 200 -3.63 -12.90 5.60
N GLU D 201 -2.95 -11.76 5.55
CA GLU D 201 -3.50 -10.53 5.00
C GLU D 201 -3.96 -10.71 3.57
N SER D 202 -3.09 -11.22 2.71
CA SER D 202 -3.48 -11.55 1.34
C SER D 202 -4.66 -12.55 1.27
N ASP D 203 -4.59 -13.63 2.06
CA ASP D 203 -5.66 -14.62 2.10
C ASP D 203 -7.00 -14.04 2.57
N THR D 204 -6.93 -13.01 3.44
CA THR D 204 -8.12 -12.31 3.92
C THR D 204 -8.93 -11.72 2.75
N ARG D 205 -8.23 -11.10 1.82
CA ARG D 205 -8.84 -10.54 0.62
C ARG D 205 -9.47 -11.61 -0.24
N VAL D 206 -8.71 -12.67 -0.51
CA VAL D 206 -9.15 -13.75 -1.40
C VAL D 206 -10.32 -14.54 -0.81
N LEU D 207 -10.27 -14.76 0.51
CA LEU D 207 -11.41 -15.33 1.23
C LEU D 207 -12.63 -14.39 1.20
N ALA D 208 -12.39 -13.08 1.25
CA ALA D 208 -13.49 -12.13 1.27
C ALA D 208 -14.31 -12.28 -0.01
N TYR D 209 -13.62 -12.56 -1.11
CA TYR D 209 -14.28 -12.75 -2.38
C TYR D 209 -15.12 -14.03 -2.42
N TYR D 210 -14.50 -15.18 -2.12
CA TYR D 210 -15.23 -16.47 -2.06
C TYR D 210 -16.33 -16.54 -0.98
N LEU D 211 -16.01 -16.12 0.25
CA LEU D 211 -17.01 -16.16 1.31
C LEU D 211 -18.11 -15.11 1.08
N GLY D 212 -17.71 -14.01 0.46
CA GLY D 212 -18.64 -12.95 0.15
C GLY D 212 -19.64 -13.37 -0.90
N ARG D 213 -19.16 -13.94 -1.99
CA ARG D 213 -20.05 -14.32 -3.07
C ARG D 213 -20.92 -15.53 -2.74
N LYS D 214 -20.35 -16.48 -2.02
CA LYS D 214 -21.00 -17.78 -1.78
C LYS D 214 -21.96 -17.73 -0.61
N TYR D 215 -21.53 -17.10 0.47
CA TYR D 215 -22.30 -17.11 1.71
C TYR D 215 -22.73 -15.72 2.19
N ASN D 216 -22.33 -14.69 1.47
CA ASN D 216 -22.52 -13.32 1.95
C ASN D 216 -21.89 -13.19 3.34
N ILE D 217 -20.76 -13.85 3.51
CA ILE D 217 -20.05 -13.80 4.77
C ILE D 217 -18.87 -12.85 4.60
N ARG D 218 -18.53 -12.13 5.67
CA ARG D 218 -17.44 -11.18 5.62
C ARG D 218 -16.23 -11.68 6.41
N ILE D 219 -15.06 -11.17 6.04
CA ILE D 219 -13.85 -11.53 6.73
C ILE D 219 -12.86 -10.38 6.67
N ASN D 220 -12.26 -10.09 7.82
CA ASN D 220 -11.33 -8.98 7.96
C ASN D 220 -10.25 -9.42 8.93
N THR D 221 -9.15 -8.68 8.94
CA THR D 221 -8.11 -8.95 9.89
C THR D 221 -7.71 -7.65 10.57
N ILE D 222 -7.44 -7.75 11.87
CA ILE D 222 -7.00 -6.62 12.68
C ILE D 222 -5.49 -6.69 12.87
N SER D 223 -4.78 -5.70 12.35
CA SER D 223 -3.35 -5.62 12.61
C SER D 223 -3.11 -4.95 13.97
N ALA D 224 -2.86 -5.76 14.99
CA ALA D 224 -2.83 -5.22 16.35
C ALA D 224 -1.45 -4.69 16.76
N GLY D 225 -1.45 -3.78 17.72
CA GLY D 225 -0.24 -3.34 18.39
C GLY D 225 0.20 -4.37 19.44
N PRO D 226 1.31 -4.08 20.13
CA PRO D 226 1.95 -5.00 21.08
C PRO D 226 1.14 -5.21 22.35
N LEU D 227 0.88 -6.47 22.69
CA LEU D 227 0.17 -6.84 23.90
C LEU D 227 1.01 -7.88 24.65
N LYS D 228 1.22 -7.66 25.94
CA LYS D 228 2.01 -8.62 26.72
C LYS D 228 1.21 -9.88 27.09
N SER D 229 0.91 -10.69 26.07
CA SER D 229 0.23 -11.96 26.26
C SER D 229 1.26 -13.04 26.56
N ARG D 230 0.81 -14.29 26.72
CA ARG D 230 1.72 -15.39 26.97
C ARG D 230 2.66 -15.64 25.79
N ALA D 231 2.08 -15.83 24.62
CA ALA D 231 2.86 -16.07 23.41
C ALA D 231 3.84 -14.93 23.17
N ALA D 232 3.35 -13.71 23.35
CA ALA D 232 4.17 -12.52 23.20
C ALA D 232 5.44 -12.62 24.06
N THR D 233 5.24 -13.00 25.32
CA THR D 233 6.33 -13.07 26.30
C THR D 233 7.53 -13.93 25.86
N ALA D 234 7.24 -15.03 25.17
CA ALA D 234 8.28 -15.94 24.67
C ALA D 234 9.54 -15.23 24.15
N ILE D 235 9.39 -14.39 23.13
CA ILE D 235 10.52 -13.62 22.61
C ILE D 235 10.96 -12.61 23.66
N TYR D 257 14.23 -12.58 24.46
CA TYR D 257 14.72 -11.71 25.54
C TYR D 257 13.86 -10.45 25.68
N SER D 258 12.55 -10.66 25.73
CA SER D 258 11.59 -9.58 25.94
C SER D 258 11.51 -8.60 24.76
N PHE D 259 11.41 -9.16 23.56
CA PHE D 259 11.10 -8.38 22.39
C PHE D 259 9.78 -7.63 22.62
N ILE D 260 8.88 -8.23 23.40
CA ILE D 260 7.54 -7.67 23.61
C ILE D 260 7.51 -6.41 24.48
N ASP D 261 8.45 -6.32 25.42
CA ASP D 261 8.54 -5.13 26.28
C ASP D 261 9.05 -3.96 25.48
N TYR D 262 9.95 -4.22 24.53
CA TYR D 262 10.53 -3.18 23.71
C TYR D 262 9.49 -2.60 22.74
N ALA D 263 8.74 -3.48 22.09
CA ALA D 263 7.70 -3.04 21.17
C ALA D 263 6.67 -2.21 21.91
N ILE D 264 6.41 -2.55 23.16
CA ILE D 264 5.42 -1.80 23.95
C ILE D 264 5.91 -0.41 24.35
N ASP D 265 7.15 -0.32 24.82
CA ASP D 265 7.71 0.95 25.24
C ASP D 265 8.03 1.81 24.02
N TYR D 266 8.31 1.16 22.90
CA TYR D 266 8.51 1.89 21.66
C TYR D 266 7.18 2.49 21.22
N SER D 267 6.12 1.69 21.37
CA SER D 267 4.78 2.11 20.98
C SER D 267 4.21 3.22 21.88
N GLU D 268 4.32 3.06 23.19
CA GLU D 268 3.76 4.04 24.13
C GLU D 268 4.52 5.35 24.05
N LYS D 269 5.69 5.29 23.44
CA LYS D 269 6.57 6.43 23.34
C LYS D 269 6.35 7.19 22.00
N TYR D 270 6.10 6.46 20.92
CA TYR D 270 6.13 7.09 19.61
C TYR D 270 4.84 7.05 18.81
N ALA D 271 3.83 6.33 19.30
CA ALA D 271 2.51 6.36 18.66
C ALA D 271 1.91 7.78 18.70
N PRO D 272 1.09 8.11 17.70
CA PRO D 272 0.39 9.39 17.74
C PRO D 272 -0.44 9.48 19.01
N LEU D 273 -0.93 8.35 19.49
CA LEU D 273 -1.73 8.26 20.71
C LEU D 273 -0.91 7.65 21.83
N LYS D 274 -0.54 8.47 22.81
CA LYS D 274 0.32 8.03 23.91
C LYS D 274 -0.37 7.15 24.95
N LYS D 275 -1.60 6.70 24.67
CA LYS D 275 -2.29 5.74 25.52
C LYS D 275 -1.55 4.41 25.58
N LYS D 276 -2.05 3.49 26.39
CA LYS D 276 -1.49 2.16 26.46
C LYS D 276 -2.49 1.21 25.86
N LEU D 277 -2.03 0.31 25.01
CA LEU D 277 -2.94 -0.56 24.29
C LEU D 277 -3.48 -1.69 25.16
N LEU D 278 -4.79 -1.88 25.10
CA LEU D 278 -5.47 -2.89 25.88
C LEU D 278 -5.99 -3.99 24.96
N SER D 279 -6.16 -5.18 25.52
CA SER D 279 -6.75 -6.26 24.74
C SER D 279 -8.15 -5.84 24.29
N THR D 280 -8.79 -5.00 25.08
CA THR D 280 -10.19 -4.65 24.80
C THR D 280 -10.29 -3.60 23.70
N ASP D 281 -9.21 -2.84 23.47
CA ASP D 281 -9.16 -1.96 22.30
C ASP D 281 -9.31 -2.75 21.00
N VAL D 282 -8.53 -3.82 20.84
CA VAL D 282 -8.69 -4.73 19.72
C VAL D 282 -10.05 -5.41 19.85
N GLY D 283 -10.40 -5.73 21.10
CA GLY D 283 -11.66 -6.37 21.42
C GLY D 283 -12.88 -5.68 20.83
N SER D 284 -13.01 -4.38 21.06
CA SER D 284 -14.17 -3.66 20.55
C SER D 284 -14.18 -3.47 19.01
N VAL D 285 -13.01 -3.28 18.40
CA VAL D 285 -12.92 -3.26 16.93
C VAL D 285 -13.31 -4.63 16.32
N ALA D 286 -12.87 -5.71 16.95
CA ALA D 286 -13.33 -7.02 16.50
C ALA D 286 -14.84 -7.12 16.64
N SER D 287 -15.35 -6.71 17.80
CA SER D 287 -16.79 -6.80 18.06
C SER D 287 -17.53 -6.01 16.99
N PHE D 288 -17.02 -4.81 16.68
CA PHE D 288 -17.59 -4.01 15.62
C PHE D 288 -17.51 -4.71 14.24
N LEU D 289 -16.33 -5.23 13.89
CA LEU D 289 -16.15 -5.97 12.64
C LEU D 289 -17.03 -7.22 12.56
N LEU D 290 -17.37 -7.80 13.70
CA LEU D 290 -18.23 -8.99 13.74
C LEU D 290 -19.74 -8.68 13.71
N SER D 291 -20.09 -7.39 13.76
CA SER D 291 -21.50 -7.00 13.87
C SER D 291 -22.08 -6.56 12.53
N LYS D 292 -23.37 -6.27 12.53
CA LYS D 292 -24.04 -5.77 11.33
C LYS D 292 -23.64 -4.32 11.04
N GLU D 293 -22.88 -3.71 11.94
CA GLU D 293 -22.54 -2.29 11.83
C GLU D 293 -21.45 -2.09 10.79
N SER D 294 -20.80 -3.18 10.41
CA SER D 294 -19.73 -3.11 9.44
C SER D 294 -20.04 -3.97 8.22
N SER D 295 -21.32 -4.12 7.91
CA SER D 295 -21.72 -5.05 6.86
C SER D 295 -21.27 -4.68 5.45
N ALA D 296 -20.51 -3.60 5.30
CA ALA D 296 -20.00 -3.21 3.97
C ALA D 296 -18.48 -3.16 3.93
N VAL D 297 -17.87 -3.64 5.00
CA VAL D 297 -16.42 -3.73 5.10
C VAL D 297 -15.97 -5.20 5.03
N THR D 298 -15.25 -5.57 3.98
CA THR D 298 -14.72 -6.93 3.89
C THR D 298 -13.35 -6.96 3.23
N GLY D 299 -12.50 -7.86 3.69
CA GLY D 299 -11.24 -8.12 3.04
C GLY D 299 -10.12 -7.24 3.56
N GLN D 300 -10.37 -6.55 4.67
CA GLN D 300 -9.51 -5.46 5.11
C GLN D 300 -8.55 -5.79 6.22
N THR D 301 -7.42 -5.08 6.22
CA THR D 301 -6.50 -5.05 7.34
C THR D 301 -6.72 -3.75 8.09
N ILE D 302 -7.41 -3.82 9.22
CA ILE D 302 -7.68 -2.62 10.02
C ILE D 302 -6.66 -2.50 11.15
N TYR D 303 -5.91 -1.41 11.15
CA TYR D 303 -4.84 -1.21 12.12
C TYR D 303 -5.38 -0.74 13.47
N VAL D 304 -5.02 -1.48 14.52
CA VAL D 304 -5.42 -1.10 15.88
C VAL D 304 -4.21 -1.06 16.80
N ASP D 305 -3.45 0.02 16.70
CA ASP D 305 -2.11 0.11 17.25
C ASP D 305 -1.84 1.53 17.71
N ASN D 306 -2.90 2.25 18.07
CA ASN D 306 -2.79 3.65 18.45
C ASN D 306 -2.16 4.53 17.38
N GLY D 307 -2.38 4.16 16.12
CA GLY D 307 -1.87 4.91 14.98
C GLY D 307 -0.37 4.83 14.70
N LEU D 308 0.31 3.85 15.30
CA LEU D 308 1.75 3.77 15.17
C LEU D 308 2.22 3.44 13.73
N ASN D 309 1.36 2.78 12.96
CA ASN D 309 1.68 2.41 11.59
C ASN D 309 1.89 3.63 10.67
N ILE D 310 1.28 4.75 11.03
CA ILE D 310 1.36 5.93 10.18
C ILE D 310 2.72 6.62 10.27
N MET D 311 3.47 6.31 11.33
CA MET D 311 4.74 7.00 11.62
C MET D 311 5.92 6.51 10.78
N PHE D 312 6.76 7.46 10.39
CA PHE D 312 7.98 7.14 9.67
C PHE D 312 9.03 6.55 10.61
N GLY D 313 9.11 7.12 11.81
CA GLY D 313 10.04 6.65 12.83
C GLY D 313 9.86 7.45 14.09
N PRO D 314 10.79 7.33 15.04
CA PRO D 314 10.75 8.09 16.31
C PRO D 314 10.78 9.59 16.06
N ASP D 315 9.90 10.32 16.72
CA ASP D 315 9.71 11.74 16.42
C ASP D 315 10.53 12.64 17.33
N ASP D 316 11.56 12.11 17.95
CA ASP D 316 12.41 12.94 18.80
C ASP D 316 13.67 13.43 18.08
PA NAD E . -23.28 15.67 -1.32
O1A NAD E . -24.41 14.97 -0.61
O2A NAD E . -23.55 16.54 -2.52
O5B NAD E . -22.45 16.50 -0.23
C5B NAD E . -21.41 17.43 -0.57
C4B NAD E . -21.65 18.70 0.22
O4B NAD E . -20.56 19.63 0.23
C3B NAD E . -22.84 19.41 -0.39
O3B NAD E . -23.85 19.58 0.60
C2B NAD E . -22.30 20.74 -0.85
O2B NAD E . -23.31 21.75 -0.70
C1B NAD E . -21.12 20.94 0.10
N9A NAD E . -20.13 21.99 -0.31
C8A NAD E . -19.62 22.19 -1.53
N7A NAD E . -18.74 23.21 -1.48
C5A NAD E . -18.69 23.65 -0.21
C6A NAD E . -17.99 24.66 0.45
N6A NAD E . -17.12 25.46 -0.22
N1A NAD E . -18.19 24.85 1.77
C2A NAD E . -19.04 24.08 2.47
N3A NAD E . -19.72 23.11 1.85
C4A NAD E . -19.58 22.88 0.52
O3 NAD E . -22.22 14.59 -1.86
PN NAD E . -21.66 13.32 -1.06
O1N NAD E . -22.51 13.06 0.16
O2N NAD E . -21.46 12.25 -2.09
O5D NAD E . -20.25 13.85 -0.54
C5D NAD E . -19.82 13.68 0.81
C4D NAD E . -18.36 13.27 0.78
O4D NAD E . -18.29 11.88 0.43
C3D NAD E . -17.56 14.02 -0.28
O3D NAD E . -16.27 14.37 0.21
C2D NAD E . -17.36 13.01 -1.39
O2D NAD E . -16.16 13.27 -2.08
C1D NAD E . -17.30 11.71 -0.59
N1N NAD E . -17.58 10.51 -1.39
C2N NAD E . -18.74 10.40 -2.07
C3N NAD E . -18.99 9.25 -2.80
C7N NAD E . -20.28 9.10 -3.58
O7N NAD E . -20.34 8.19 -4.39
N7N NAD E . -21.28 9.98 -3.41
C4N NAD E . -18.08 8.20 -2.81
C5N NAD E . -16.90 8.35 -2.10
C6N NAD E . -16.68 9.52 -1.38
C1 TCL F . -16.78 10.08 -5.33
C2 TCL F . -17.81 9.57 -6.11
C6 TCL F . -16.88 11.39 -4.84
C5 TCL F . -18.00 12.14 -5.13
C4 TCL F . -19.04 11.62 -5.88
C3 TCL F . -18.94 10.33 -6.40
C11 TCL F . -17.15 16.77 -6.75
C10 TCL F . -17.72 16.88 -5.50
C9 TCL F . -18.01 15.72 -4.81
C8 TCL F . -17.77 14.49 -5.36
C12 TCL F . -16.90 15.53 -7.33
C13 TCL F . -17.22 14.36 -6.63
O7 TCL F . -18.09 13.40 -4.62
CL14 TCL F . -17.71 7.92 -6.76
CL15 TCL F . -16.78 18.29 -7.61
CL16 TCL F . -18.75 15.84 -3.18
O17 TCL F . -15.91 11.95 -4.09
PA NAD G . 8.13 -21.06 -16.77
O1A NAD G . 8.79 -20.55 -18.03
O2A NAD G . 7.36 -22.36 -16.82
O5B NAD G . 9.24 -21.09 -15.62
C5B NAD G . 9.03 -21.75 -14.37
C4B NAD G . 10.27 -22.58 -14.08
O4B NAD G . 10.30 -23.12 -12.75
C3B NAD G . 10.27 -23.75 -15.03
O3B NAD G . 11.57 -23.87 -15.61
C2B NAD G . 9.97 -24.93 -14.13
O2B NAD G . 10.48 -26.13 -14.70
C1B NAD G . 10.68 -24.49 -12.86
N9A NAD G . 10.33 -25.30 -11.66
C8A NAD G . 9.13 -25.84 -11.40
N7A NAD G . 9.20 -26.51 -10.21
C5A NAD G . 10.46 -26.39 -9.74
C6A NAD G . 11.11 -26.85 -8.61
N6A NAD G . 10.44 -27.60 -7.69
N1A NAD G . 12.42 -26.56 -8.43
C2A NAD G . 13.07 -25.81 -9.32
N3A NAD G . 12.47 -25.36 -10.43
C4A NAD G . 11.16 -25.62 -10.66
O3 NAD G . 7.08 -19.97 -16.19
PN NAD G . 7.43 -18.40 -16.07
O1N NAD G . 8.75 -18.13 -16.74
O2N NAD G . 6.21 -17.63 -16.48
O5D NAD G . 7.63 -18.30 -14.48
C5D NAD G . 8.84 -17.80 -13.93
C4D NAD G . 8.52 -17.03 -12.66
O4D NAD G . 7.89 -15.80 -12.99
C3D NAD G . 7.56 -17.78 -11.75
O3D NAD G . 7.98 -17.60 -10.39
C2D NAD G . 6.21 -17.09 -11.96
O2D NAD G . 5.40 -17.12 -10.78
C1D NAD G . 6.65 -15.67 -12.28
N1N NAD G . 5.65 -14.92 -13.06
C2N NAD G . 5.11 -15.43 -14.18
C3N NAD G . 4.18 -14.67 -14.91
C7N NAD G . 3.57 -15.21 -16.17
O7N NAD G . 2.58 -14.65 -16.65
N7N NAD G . 4.10 -16.30 -16.71
C4N NAD G . 3.83 -13.40 -14.47
C5N NAD G . 4.40 -12.91 -13.31
C6N NAD G . 5.32 -13.70 -12.62
C1 TCL H . 1.45 -15.58 -12.88
C2 TCL H . 0.87 -15.65 -14.13
C6 TCL H . 2.31 -16.59 -12.48
C5 TCL H . 2.59 -17.66 -13.32
C4 TCL H . 2.02 -17.71 -14.58
C3 TCL H . 1.15 -16.71 -14.98
C11 TCL H . 2.09 -22.08 -11.13
C10 TCL H . 3.45 -21.97 -11.43
C9 TCL H . 3.93 -20.82 -12.03
C8 TCL H . 3.04 -19.79 -12.33
C12 TCL H . 1.22 -21.04 -11.43
C13 TCL H . 1.69 -19.89 -12.04
O7 TCL H . 3.47 -18.64 -12.94
CL14 TCL H . -0.25 -14.38 -14.69
CL15 TCL H . 1.46 -23.56 -10.34
CL16 TCL H . 5.70 -20.72 -12.42
O17 TCL H . 2.89 -16.55 -11.25
PA NAD I . 17.45 21.74 -5.31
O1A NAD I . 18.48 21.07 -6.17
O2A NAD I . 17.71 23.07 -4.66
O5B NAD I . 16.15 21.86 -6.23
C5B NAD I . 15.19 22.87 -6.01
C4B NAD I . 15.11 23.56 -7.35
O4B NAD I . 13.79 24.01 -7.67
C3B NAD I . 16.03 24.77 -7.31
O3B NAD I . 16.83 24.78 -8.48
C2B NAD I . 15.08 25.93 -7.33
O2B NAD I . 15.71 27.04 -7.99
C1B NAD I . 13.94 25.33 -8.13
N9A NAD I . 12.68 26.07 -8.00
C8A NAD I . 12.09 26.52 -6.87
N7A NAD I . 10.94 27.13 -7.22
C5A NAD I . 10.82 27.05 -8.56
C6A NAD I . 9.87 27.50 -9.47
N6A NAD I . 8.76 28.16 -9.04
N1A NAD I . 10.06 27.24 -10.79
C2A NAD I . 11.15 26.59 -11.22
N3A NAD I . 12.09 26.15 -10.37
C4A NAD I . 11.92 26.37 -9.05
O3 NAD I . 16.84 20.76 -4.19
PN NAD I . 16.62 19.19 -4.41
O1N NAD I . 17.54 18.68 -5.48
O2N NAD I . 16.64 18.57 -3.04
O5D NAD I . 15.12 19.08 -5.01
C5D NAD I . 14.88 18.37 -6.24
C4D NAD I . 13.60 17.54 -6.17
O4D NAD I . 13.82 16.31 -5.48
C3D NAD I . 12.46 18.23 -5.44
O3D NAD I . 11.24 17.81 -6.07
C2D NAD I . 12.52 17.63 -4.05
O2D NAD I . 11.26 17.68 -3.39
C1D NAD I . 12.89 16.20 -4.38
N1N NAD I . 13.48 15.50 -3.24
C2N NAD I . 14.56 16.00 -2.61
C3N NAD I . 15.10 15.31 -1.52
C7N NAD I . 16.33 15.82 -0.81
O7N NAD I . 16.63 15.39 0.29
N7N NAD I . 17.09 16.76 -1.40
C4N NAD I . 14.53 14.11 -1.14
C5N NAD I . 13.41 13.62 -1.81
C6N NAD I . 12.91 14.34 -2.87
C1 TCL J . 12.77 16.02 0.84
C2 TCL J . 13.86 16.12 1.71
C6 TCL J . 12.50 17.06 -0.06
C5 TCL J . 13.33 18.17 -0.08
C4 TCL J . 14.43 18.24 0.77
C3 TCL J . 14.69 17.22 1.67
C11 TCL J . 10.81 22.47 0.05
C10 TCL J . 11.50 22.46 -1.17
C9 TCL J . 12.24 21.35 -1.49
C8 TCL J . 12.32 20.25 -0.63
C12 TCL J . 10.88 21.39 0.92
C13 TCL J . 11.64 20.27 0.58
O7 TCL J . 13.08 19.16 -0.98
CL14 TCL J . 14.22 14.79 2.86
CL15 TCL J . 9.85 23.92 0.42
CL16 TCL J . 13.10 21.36 -3.06
O17 TCL J . 11.44 17.01 -0.91
PA NAD K . -1.98 -15.94 23.15
O1A NAD K . -2.86 -15.22 24.14
O2A NAD K . -0.79 -16.73 23.65
O5B NAD K . -2.94 -16.86 22.25
C5B NAD K . -2.39 -17.81 21.35
C4B NAD K . -3.19 -19.07 21.54
O4B NAD K . -3.23 -19.85 20.34
C3B NAD K . -2.53 -19.95 22.60
O3B NAD K . -3.15 -19.75 23.87
C2B NAD K . -2.73 -21.37 22.12
O2B NAD K . -3.67 -22.04 22.96
C1B NAD K . -3.29 -21.24 20.71
N9A NAD K . -2.53 -22.13 19.80
C8A NAD K . -1.19 -22.13 19.60
N7A NAD K . -0.89 -23.09 18.69
C5A NAD K . -2.06 -23.69 18.32
C6A NAD K . -2.38 -24.73 17.44
N6A NAD K . -1.42 -25.37 16.73
N1A NAD K . -3.68 -25.10 17.31
C2A NAD K . -4.65 -24.47 18.00
N3A NAD K . -4.37 -23.48 18.85
C4A NAD K . -3.08 -23.08 19.02
O3 NAD K . -1.41 -14.94 22.02
PN NAD K . -2.01 -13.52 21.58
O1N NAD K . -3.39 -13.29 22.17
O2N NAD K . -0.90 -12.52 21.73
O5D NAD K . -2.20 -13.80 20.01
C5D NAD K . -3.49 -13.84 19.42
C4D NAD K . -3.30 -13.43 17.97
O4D NAD K . -2.96 -12.05 17.94
C3D NAD K . -2.16 -14.19 17.31
O3D NAD K . -2.57 -14.56 15.99
C2D NAD K . -1.05 -13.17 17.25
O2D NAD K . -0.19 -13.42 16.14
C1D NAD K . -1.81 -11.85 17.11
N1N NAD K . -1.08 -10.63 17.51
C2N NAD K . -0.58 -10.49 18.75
C3N NAD K . 0.10 -9.32 19.11
C7N NAD K . 0.65 -9.14 20.51
O7N NAD K . 1.45 -8.25 20.76
N7N NAD K . 0.29 -10.00 21.44
C4N NAD K . 0.22 -8.30 18.17
C5N NAD K . -0.30 -8.48 16.91
C6N NAD K . -0.97 -9.66 16.61
C1 TCL L . 2.89 -10.19 17.27
C2 TCL L . 3.50 -9.63 18.38
C6 TCL L . 2.38 -11.47 17.35
C5 TCL L . 2.47 -12.18 18.54
C4 TCL L . 3.07 -11.61 19.65
C3 TCL L . 3.60 -10.34 19.57
C11 TCL L . 4.39 -16.67 17.67
C10 TCL L . 3.10 -16.90 18.15
C9 TCL L . 2.29 -15.81 18.47
C8 TCL L . 2.77 -14.52 18.32
C12 TCL L . 4.86 -15.36 17.52
C13 TCL L . 4.05 -14.29 17.85
O7 TCL L . 1.97 -13.45 18.64
CL14 TCL L . 4.18 -7.97 18.32
CL15 TCL L . 5.47 -18.04 17.26
CL16 TCL L . 0.62 -16.09 19.08
O17 TCL L . 1.78 -12.03 16.25
#